data_7MFI
#
_entry.id   7MFI
#
_cell.length_a   70.873
_cell.length_b   54.894
_cell.length_c   93.007
_cell.angle_alpha   90.000
_cell.angle_beta   94.302
_cell.angle_gamma   90.000
#
_symmetry.space_group_name_H-M   'P 1 21 1'
#
loop_
_entity.id
_entity.type
_entity.pdbx_description
1 polymer 'Sigma intracellular receptor 2'
2 non-polymer CHOLESTEROL
3 non-polymer '(2R)-2,3-dihydroxypropyl (9Z)-octadec-9-enoate'
4 non-polymer '2-(N-MORPHOLINO)-ETHANESULFONIC ACID'
5 water water
#
_entity_poly.entity_id   1
_entity_poly.type   'polypeptide(L)'
_entity_poly.pdbx_seq_one_letter_code
;GPGGSSMGTLGARRGLEWFLGFYFLSHIPITLLMDLQGVLPRDLYPVELRNLQQWYIEEFKDPLLQTPPAWFKSFLFCEL
VFQLPFFPIAAYAFFKGGCKWIRTPAIIYSVHTMTTLIPILSTLLLDDFSKASHFRGQGPKTFQERLFLISVYIPYFLIP
LILLLFMVRNPYYK
;
_entity_poly.pdbx_strand_id   A,B,C,D
#
loop_
_chem_comp.id
_chem_comp.type
_chem_comp.name
_chem_comp.formula
CLR non-polymer CHOLESTEROL 'C27 H46 O'
MES non-polymer '2-(N-MORPHOLINO)-ETHANESULFONIC ACID' 'C6 H13 N O4 S'
OLC non-polymer '(2R)-2,3-dihydroxypropyl (9Z)-octadec-9-enoate' 'C21 H40 O4'
#
# COMPACT_ATOMS: atom_id res chain seq x y z
N LEU A 10 -20.47 -3.97 28.37
CA LEU A 10 -20.36 -4.60 27.05
C LEU A 10 -19.96 -6.06 27.18
N GLY A 11 -20.09 -6.81 26.09
CA GLY A 11 -19.78 -8.22 26.11
C GLY A 11 -18.32 -8.51 25.79
N ALA A 12 -17.91 -9.75 26.09
CA ALA A 12 -16.57 -10.19 25.75
C ALA A 12 -16.36 -10.23 24.24
N ARG A 13 -17.44 -10.48 23.49
CA ARG A 13 -17.35 -10.46 22.04
C ARG A 13 -17.14 -9.05 21.52
N ARG A 14 -17.93 -8.09 22.03
CA ARG A 14 -17.77 -6.71 21.61
C ARG A 14 -16.43 -6.15 22.08
N GLY A 15 -15.99 -6.55 23.28
CA GLY A 15 -14.69 -6.09 23.76
C GLY A 15 -13.53 -6.62 22.93
N LEU A 16 -13.63 -7.89 22.50
CA LEU A 16 -12.59 -8.44 21.65
C LEU A 16 -12.53 -7.74 20.30
N GLU A 17 -13.70 -7.39 19.75
CA GLU A 17 -13.73 -6.63 18.50
C GLU A 17 -13.11 -5.25 18.70
N TRP A 18 -13.34 -4.63 19.85
CA TRP A 18 -12.67 -3.37 20.16
C TRP A 18 -11.16 -3.55 20.25
N PHE A 19 -10.73 -4.67 20.84
CA PHE A 19 -9.30 -4.94 20.95
C PHE A 19 -8.67 -5.19 19.58
N LEU A 20 -9.37 -5.95 18.72
CA LEU A 20 -8.85 -6.21 17.38
C LEU A 20 -8.76 -4.92 16.57
N GLY A 21 -9.73 -4.02 16.74
CA GLY A 21 -9.67 -2.76 16.04
C GLY A 21 -8.47 -1.91 16.44
N PHE A 22 -8.20 -1.83 17.75
CA PHE A 22 -7.03 -1.10 18.20
C PHE A 22 -5.74 -1.81 17.81
N TYR A 23 -5.77 -3.13 17.69
CA TYR A 23 -4.60 -3.86 17.21
C TYR A 23 -4.31 -3.53 15.75
N PHE A 24 -5.35 -3.49 14.91
CA PHE A 24 -5.16 -3.15 13.51
C PHE A 24 -4.91 -1.66 13.30
N LEU A 25 -5.43 -0.81 14.18
CA LEU A 25 -5.18 0.62 14.05
C LEU A 25 -3.75 0.97 14.46
N SER A 26 -3.26 0.34 15.53
CA SER A 26 -1.90 0.61 16.00
C SER A 26 -0.84 -0.07 15.15
N HIS A 27 -1.21 -1.08 14.35
CA HIS A 27 -0.23 -1.78 13.54
C HIS A 27 0.22 -0.98 12.33
N ILE A 28 -0.51 0.08 11.99
CA ILE A 28 -0.16 0.92 10.84
C ILE A 28 1.07 1.77 11.17
N PRO A 29 1.10 2.51 12.29
CA PRO A 29 2.33 3.26 12.60
C PRO A 29 3.50 2.36 12.96
N ILE A 30 3.25 1.20 13.56
CA ILE A 30 4.35 0.28 13.87
C ILE A 30 5.02 -0.20 12.59
N THR A 31 4.22 -0.49 11.57
CA THR A 31 4.77 -0.96 10.30
C THR A 31 5.46 0.19 9.55
N LEU A 32 4.76 1.32 9.39
CA LEU A 32 5.28 2.40 8.56
C LEU A 32 6.51 3.05 9.18
N LEU A 33 6.55 3.15 10.51
CA LEU A 33 7.59 3.94 11.18
C LEU A 33 8.71 3.11 11.78
N MET A 34 8.57 1.79 11.85
CA MET A 34 9.56 0.98 12.54
C MET A 34 9.95 -0.27 11.75
N ASP A 35 8.95 -1.06 11.34
CA ASP A 35 9.24 -2.34 10.71
C ASP A 35 9.82 -2.16 9.31
N LEU A 36 9.23 -1.28 8.51
CA LEU A 36 9.66 -1.11 7.12
C LEU A 36 11.00 -0.39 7.00
N GLN A 37 11.67 -0.06 8.10
CA GLN A 37 13.00 0.51 8.01
C GLN A 37 14.04 -0.51 7.56
N GLY A 38 13.68 -1.79 7.47
CA GLY A 38 14.59 -2.80 6.99
C GLY A 38 14.45 -3.06 5.51
N VAL A 39 13.30 -2.74 4.93
CA VAL A 39 13.07 -2.92 3.51
C VAL A 39 12.97 -1.60 2.76
N LEU A 40 12.61 -0.50 3.43
CA LEU A 40 12.58 0.78 2.75
C LEU A 40 13.82 1.59 3.09
N PRO A 41 14.29 2.44 2.16
CA PRO A 41 15.54 3.18 2.39
C PRO A 41 15.46 4.06 3.63
N ARG A 42 16.59 4.15 4.33
CA ARG A 42 16.63 4.94 5.57
C ARG A 42 16.58 6.43 5.30
N ASP A 43 16.84 6.86 4.06
CA ASP A 43 16.74 8.28 3.73
C ASP A 43 15.33 8.80 3.95
N LEU A 44 14.33 7.96 3.68
CA LEU A 44 12.93 8.35 3.82
C LEU A 44 12.52 8.56 5.27
N TYR A 45 13.35 8.15 6.23
CA TYR A 45 13.01 8.33 7.63
C TYR A 45 13.83 9.44 8.25
N PRO A 46 13.23 10.26 9.11
CA PRO A 46 13.99 11.31 9.79
C PRO A 46 14.98 10.72 10.78
N VAL A 47 15.90 11.58 11.23
CA VAL A 47 16.94 11.13 12.16
C VAL A 47 16.35 10.71 13.51
N GLU A 48 15.18 11.23 13.86
CA GLU A 48 14.55 10.82 15.12
C GLU A 48 14.14 9.35 15.07
N LEU A 49 13.40 8.95 14.03
CA LEU A 49 12.94 7.58 13.93
C LEU A 49 14.07 6.63 13.58
N ARG A 50 15.03 7.08 12.77
CA ARG A 50 16.20 6.25 12.47
C ARG A 50 16.95 5.89 13.75
N ASN A 51 17.16 6.86 14.63
CA ASN A 51 17.86 6.62 15.89
C ASN A 51 16.99 5.93 16.93
N LEU A 52 15.67 6.03 16.80
CA LEU A 52 14.79 5.32 17.73
C LEU A 52 14.80 3.82 17.48
N GLN A 53 14.81 3.42 16.20
CA GLN A 53 15.01 2.00 15.89
C GLN A 53 16.42 1.55 16.27
N GLN A 54 17.41 2.45 16.14
CA GLN A 54 18.76 2.13 16.57
C GLN A 54 18.84 1.91 18.06
N TRP A 55 17.95 2.55 18.83
CA TRP A 55 17.90 2.30 20.27
C TRP A 55 17.38 0.90 20.57
N TYR A 56 16.29 0.50 19.93
CA TYR A 56 15.71 -0.82 20.17
C TYR A 56 16.67 -1.92 19.76
N ILE A 57 17.40 -1.74 18.65
CA ILE A 57 18.31 -2.77 18.18
C ILE A 57 19.49 -2.92 19.13
N GLU A 58 19.99 -1.81 19.68
CA GLU A 58 21.14 -1.87 20.57
C GLU A 58 20.77 -2.26 21.99
N GLU A 59 19.53 -2.03 22.42
CA GLU A 59 19.11 -2.36 23.77
C GLU A 59 18.48 -3.75 23.87
N PHE A 60 17.64 -4.11 22.92
CA PHE A 60 16.99 -5.42 22.90
C PHE A 60 17.83 -6.47 22.18
N LYS A 61 18.94 -6.08 21.56
CA LYS A 61 19.84 -7.00 20.87
C LYS A 61 19.11 -7.75 19.75
N ASP A 62 18.42 -6.99 18.90
CA ASP A 62 17.64 -7.60 17.82
C ASP A 62 18.57 -7.93 16.65
N PRO A 63 18.57 -9.18 16.18
CA PRO A 63 19.48 -9.55 15.09
C PRO A 63 18.87 -9.40 13.71
N LEU A 64 17.55 -9.34 13.65
CA LEU A 64 16.84 -9.42 12.38
C LEU A 64 16.51 -8.03 11.81
N LEU A 65 16.14 -7.09 12.68
CA LEU A 65 15.65 -5.80 12.19
C LEU A 65 16.77 -4.96 11.58
N GLN A 66 17.97 -5.02 12.16
CA GLN A 66 19.06 -4.20 11.67
C GLN A 66 19.50 -4.61 10.27
N THR A 67 19.84 -5.88 10.09
CA THR A 67 20.31 -6.42 8.81
C THR A 67 19.46 -7.62 8.45
N PRO A 68 18.31 -7.38 7.82
CA PRO A 68 17.34 -8.46 7.59
C PRO A 68 17.87 -9.51 6.63
N PRO A 69 17.79 -10.80 6.98
CA PRO A 69 18.08 -11.86 6.02
C PRO A 69 17.00 -11.92 4.94
N ALA A 70 17.28 -12.69 3.88
CA ALA A 70 16.35 -12.78 2.76
C ALA A 70 14.97 -13.28 3.20
N TRP A 71 14.94 -14.23 4.12
CA TRP A 71 13.65 -14.77 4.56
C TRP A 71 12.88 -13.77 5.39
N PHE A 72 13.58 -12.93 6.16
CA PHE A 72 12.90 -11.91 6.96
C PHE A 72 12.49 -10.70 6.12
N LYS A 73 13.24 -10.42 5.05
CA LYS A 73 12.87 -9.31 4.18
C LYS A 73 11.63 -9.65 3.38
N SER A 74 11.47 -10.92 2.98
CA SER A 74 10.27 -11.34 2.26
C SER A 74 9.02 -11.15 3.11
N PHE A 75 9.14 -11.36 4.43
CA PHE A 75 8.00 -11.14 5.31
C PHE A 75 7.70 -9.66 5.49
N LEU A 76 8.72 -8.81 5.47
CA LEU A 76 8.50 -7.37 5.59
C LEU A 76 7.82 -6.81 4.34
N PHE A 77 8.18 -7.33 3.16
CA PHE A 77 7.48 -6.92 1.94
C PHE A 77 6.05 -7.42 1.94
N CYS A 78 5.81 -8.62 2.47
CA CYS A 78 4.44 -9.09 2.64
C CYS A 78 3.67 -8.20 3.60
N GLU A 79 4.34 -7.65 4.61
CA GLU A 79 3.68 -6.72 5.52
C GLU A 79 3.34 -5.41 4.84
N LEU A 80 4.13 -5.01 3.84
CA LEU A 80 3.88 -3.76 3.14
C LEU A 80 2.78 -3.91 2.09
N VAL A 81 2.85 -4.95 1.26
CA VAL A 81 1.94 -5.08 0.14
C VAL A 81 0.60 -5.66 0.57
N PHE A 82 0.60 -6.59 1.53
CA PHE A 82 -0.60 -7.33 1.89
C PHE A 82 -1.22 -6.90 3.21
N GLN A 83 -0.41 -6.74 4.26
CA GLN A 83 -0.94 -6.50 5.60
C GLN A 83 -1.33 -5.04 5.80
N LEU A 84 -0.44 -4.12 5.45
CA LEU A 84 -0.71 -2.70 5.68
C LEU A 84 -2.00 -2.21 5.01
N PRO A 85 -2.34 -2.61 3.78
CA PRO A 85 -3.65 -2.20 3.25
C PRO A 85 -4.82 -2.82 3.98
N PHE A 86 -4.66 -4.03 4.51
CA PHE A 86 -5.74 -4.71 5.22
C PHE A 86 -5.98 -4.14 6.62
N PHE A 87 -5.00 -3.44 7.18
CA PHE A 87 -5.16 -2.90 8.54
C PHE A 87 -6.32 -1.92 8.65
N PRO A 88 -6.44 -0.87 7.82
CA PRO A 88 -7.59 0.03 7.97
C PRO A 88 -8.91 -0.63 7.64
N ILE A 89 -8.91 -1.61 6.74
CA ILE A 89 -10.15 -2.33 6.43
C ILE A 89 -10.61 -3.15 7.63
N ALA A 90 -9.68 -3.86 8.26
CA ALA A 90 -10.03 -4.67 9.43
C ALA A 90 -10.35 -3.80 10.64
N ALA A 91 -9.71 -2.63 10.75
CA ALA A 91 -10.01 -1.73 11.85
C ALA A 91 -11.44 -1.25 11.79
N TYR A 92 -11.90 -0.83 10.60
CA TYR A 92 -13.29 -0.42 10.45
C TYR A 92 -14.25 -1.58 10.70
N ALA A 93 -13.86 -2.79 10.29
CA ALA A 93 -14.76 -3.93 10.41
C ALA A 93 -15.05 -4.28 11.86
N PHE A 94 -14.03 -4.25 12.72
CA PHE A 94 -14.23 -4.63 14.11
C PHE A 94 -14.63 -3.46 15.00
N PHE A 95 -14.22 -2.24 14.65
CA PHE A 95 -14.74 -1.07 15.34
C PHE A 95 -16.24 -0.92 15.12
N LYS A 96 -16.69 -1.11 13.88
CA LYS A 96 -18.11 -0.99 13.57
C LYS A 96 -18.89 -2.18 14.11
N GLY A 97 -18.49 -3.38 13.73
CA GLY A 97 -19.12 -4.60 14.23
C GLY A 97 -20.14 -5.15 13.24
N GLY A 98 -20.28 -6.47 13.25
CA GLY A 98 -21.24 -7.14 12.39
C GLY A 98 -20.83 -7.26 10.94
N CYS A 99 -19.54 -7.11 10.64
CA CYS A 99 -19.05 -7.19 9.26
C CYS A 99 -18.71 -8.64 8.95
N LYS A 100 -19.72 -9.38 8.45
CA LYS A 100 -19.53 -10.78 8.11
C LYS A 100 -18.51 -10.97 6.99
N TRP A 101 -18.26 -9.94 6.18
CA TRP A 101 -17.36 -10.04 5.04
C TRP A 101 -15.89 -10.03 5.44
N ILE A 102 -15.57 -9.86 6.73
CA ILE A 102 -14.19 -9.83 7.18
C ILE A 102 -13.68 -11.21 7.57
N ARG A 103 -14.56 -12.22 7.64
CA ARG A 103 -14.20 -13.55 8.13
C ARG A 103 -13.06 -14.16 7.33
N THR A 104 -13.31 -14.45 6.05
CA THR A 104 -12.25 -15.02 5.22
C THR A 104 -11.04 -14.12 5.08
N PRO A 105 -11.16 -12.80 4.88
CA PRO A 105 -9.96 -11.96 4.86
C PRO A 105 -9.17 -11.98 6.16
N ALA A 106 -9.84 -12.01 7.31
CA ALA A 106 -9.13 -12.05 8.58
C ALA A 106 -8.48 -13.40 8.83
N ILE A 107 -9.12 -14.49 8.39
CA ILE A 107 -8.51 -15.81 8.51
C ILE A 107 -7.24 -15.89 7.68
N ILE A 108 -7.29 -15.38 6.45
CA ILE A 108 -6.10 -15.39 5.59
C ILE A 108 -4.99 -14.55 6.21
N TYR A 109 -5.34 -13.40 6.80
CA TYR A 109 -4.35 -12.59 7.48
C TYR A 109 -3.77 -13.29 8.68
N SER A 110 -4.62 -13.98 9.46
CA SER A 110 -4.16 -14.64 10.68
C SER A 110 -3.18 -15.76 10.36
N VAL A 111 -3.54 -16.64 9.43
CA VAL A 111 -2.66 -17.76 9.09
C VAL A 111 -1.36 -17.24 8.48
N HIS A 112 -1.45 -16.18 7.67
CA HIS A 112 -0.25 -15.59 7.08
C HIS A 112 0.66 -15.03 8.17
N THR A 113 0.11 -14.19 9.07
CA THR A 113 0.92 -13.56 10.09
C THR A 113 1.48 -14.58 11.07
N MET A 114 0.67 -15.58 11.44
CA MET A 114 1.18 -16.64 12.33
C MET A 114 2.31 -17.42 11.69
N THR A 115 2.20 -17.69 10.38
CA THR A 115 3.25 -18.43 9.70
C THR A 115 4.54 -17.61 9.59
N THR A 116 4.44 -16.28 9.57
CA THR A 116 5.63 -15.45 9.46
C THR A 116 6.42 -15.43 10.76
N LEU A 117 5.74 -15.59 11.91
CA LEU A 117 6.38 -15.44 13.21
C LEU A 117 6.86 -16.74 13.83
N ILE A 118 6.36 -17.89 13.36
CA ILE A 118 6.92 -19.18 13.81
C ILE A 118 8.41 -19.26 13.56
N PRO A 119 8.94 -18.94 12.37
CA PRO A 119 10.39 -18.95 12.20
C PRO A 119 11.09 -17.81 12.93
N ILE A 120 10.41 -16.68 13.12
CA ILE A 120 11.01 -15.57 13.86
C ILE A 120 11.23 -15.97 15.31
N LEU A 121 10.19 -16.50 15.97
CA LEU A 121 10.33 -16.92 17.35
C LEU A 121 11.27 -18.11 17.48
N SER A 122 11.29 -19.00 16.49
CA SER A 122 12.18 -20.15 16.55
C SER A 122 13.64 -19.72 16.42
N THR A 123 13.90 -18.70 15.61
CA THR A 123 15.27 -18.22 15.44
C THR A 123 15.76 -17.53 16.72
N LEU A 124 14.93 -16.63 17.29
CA LEU A 124 15.33 -15.93 18.50
C LEU A 124 15.57 -16.88 19.65
N LEU A 125 14.87 -18.02 19.68
CA LEU A 125 14.93 -18.94 20.81
C LEU A 125 16.00 -20.01 20.65
N LEU A 126 16.33 -20.40 19.41
CA LEU A 126 17.17 -21.56 19.19
C LEU A 126 18.40 -21.30 18.30
N ASP A 127 18.42 -20.24 17.51
CA ASP A 127 19.53 -20.05 16.59
C ASP A 127 20.74 -19.47 17.31
N ASP A 128 21.90 -19.57 16.66
CA ASP A 128 23.17 -19.12 17.20
C ASP A 128 23.46 -17.71 16.70
N PHE A 129 23.55 -16.76 17.62
CA PHE A 129 23.82 -15.36 17.29
C PHE A 129 25.22 -14.93 17.71
N SER A 130 26.17 -15.86 17.72
CA SER A 130 27.52 -15.57 18.15
C SER A 130 28.27 -14.80 17.06
N LYS A 131 29.52 -14.42 17.37
CA LYS A 131 30.35 -13.72 16.39
C LYS A 131 30.87 -14.64 15.30
N SER A 133 28.78 -16.72 13.76
CA SER A 133 27.64 -16.95 12.90
C SER A 133 27.52 -15.82 11.88
N HIS A 134 26.53 -15.93 10.99
CA HIS A 134 26.30 -14.88 10.01
C HIS A 134 25.66 -13.64 10.63
N PHE A 135 25.10 -13.76 11.84
CA PHE A 135 24.58 -12.59 12.54
C PHE A 135 25.69 -11.75 13.16
N ARG A 136 26.89 -12.32 13.34
CA ARG A 136 28.08 -11.57 13.77
C ARG A 136 27.87 -10.90 15.12
N GLY A 137 27.41 -11.68 16.10
CA GLY A 137 27.24 -11.18 17.45
C GLY A 137 26.18 -10.13 17.64
N GLN A 138 25.32 -9.90 16.65
CA GLN A 138 24.31 -8.85 16.77
C GLN A 138 23.18 -9.29 17.71
N GLY A 139 22.81 -10.57 17.68
CA GLY A 139 21.67 -11.05 18.42
C GLY A 139 21.93 -11.30 19.89
N PRO A 140 20.98 -11.91 20.57
CA PRO A 140 21.11 -12.17 22.00
C PRO A 140 21.94 -13.42 22.29
N LYS A 141 22.67 -13.36 23.40
CA LYS A 141 23.49 -14.47 23.85
C LYS A 141 22.85 -15.25 24.98
N THR A 142 22.36 -14.56 26.01
CA THR A 142 21.76 -15.23 27.15
C THR A 142 20.31 -15.60 26.86
N PHE A 143 19.77 -16.49 27.69
CA PHE A 143 18.37 -16.87 27.56
C PHE A 143 17.45 -15.73 27.98
N GLN A 144 17.88 -14.89 28.92
CA GLN A 144 17.06 -13.77 29.35
C GLN A 144 16.93 -12.72 28.26
N GLU A 145 18.02 -12.45 27.52
CA GLU A 145 17.95 -11.51 26.42
C GLU A 145 17.08 -12.02 25.28
N ARG A 146 16.95 -13.35 25.16
CA ARG A 146 16.08 -13.91 24.13
C ARG A 146 14.61 -13.71 24.49
N LEU A 147 14.27 -13.84 25.78
CA LEU A 147 12.90 -13.58 26.20
C LEU A 147 12.52 -12.13 26.03
N PHE A 148 13.48 -11.21 26.23
CA PHE A 148 13.22 -9.80 25.99
C PHE A 148 12.85 -9.54 24.55
N LEU A 149 13.42 -10.31 23.63
CA LEU A 149 13.14 -10.15 22.20
C LEU A 149 11.86 -10.88 21.82
N ILE A 150 11.65 -12.09 22.33
CA ILE A 150 10.41 -12.82 22.09
C ILE A 150 9.23 -12.05 22.65
N SER A 151 9.45 -11.28 23.72
CA SER A 151 8.37 -10.52 24.33
C SER A 151 7.77 -9.51 23.35
N VAL A 152 8.63 -8.83 22.58
CA VAL A 152 8.14 -7.85 21.61
C VAL A 152 7.44 -8.53 20.44
N TYR A 153 7.93 -9.69 20.00
CA TYR A 153 7.41 -10.38 18.83
C TYR A 153 6.21 -11.27 19.11
N ILE A 154 6.07 -11.80 20.32
CA ILE A 154 5.01 -12.78 20.62
C ILE A 154 3.58 -12.25 20.46
N PRO A 155 3.26 -10.98 20.74
CA PRO A 155 1.85 -10.56 20.60
C PRO A 155 1.35 -10.63 19.17
N TYR A 156 2.24 -10.57 18.18
CA TYR A 156 1.84 -10.64 16.79
C TYR A 156 1.64 -12.07 16.30
N PHE A 157 1.77 -13.06 17.19
CA PHE A 157 1.36 -14.43 16.92
C PHE A 157 0.12 -14.83 17.71
N LEU A 158 -0.03 -14.33 18.93
CA LEU A 158 -1.15 -14.71 19.77
C LEU A 158 -2.45 -14.00 19.35
N ILE A 159 -2.35 -12.72 18.98
CA ILE A 159 -3.52 -11.95 18.58
C ILE A 159 -4.07 -12.48 17.26
N PRO A 160 -3.25 -12.77 16.25
CA PRO A 160 -3.79 -13.48 15.08
C PRO A 160 -4.28 -14.88 15.41
N LEU A 161 -3.69 -15.55 16.39
CA LEU A 161 -4.21 -16.84 16.82
C LEU A 161 -5.61 -16.69 17.42
N ILE A 162 -5.81 -15.67 18.25
CA ILE A 162 -7.14 -15.38 18.77
C ILE A 162 -8.08 -15.04 17.61
N LEU A 163 -7.59 -14.27 16.64
CA LEU A 163 -8.42 -13.87 15.51
C LEU A 163 -8.81 -15.08 14.66
N LEU A 164 -7.89 -16.03 14.47
CA LEU A 164 -8.22 -17.22 13.69
C LEU A 164 -9.33 -18.03 14.37
N LEU A 165 -9.19 -18.27 15.68
CA LEU A 165 -10.22 -19.01 16.39
C LEU A 165 -11.52 -18.22 16.48
N PHE A 166 -11.43 -16.89 16.44
CA PHE A 166 -12.63 -16.07 16.56
C PHE A 166 -13.47 -16.11 15.29
N MET A 167 -12.82 -16.08 14.13
CA MET A 167 -13.56 -16.06 12.87
C MET A 167 -14.02 -17.45 12.44
N VAL A 168 -13.44 -18.52 12.98
CA VAL A 168 -13.81 -19.86 12.56
C VAL A 168 -15.14 -20.29 13.20
N ARG A 169 -15.38 -19.89 14.45
CA ARG A 169 -16.52 -20.39 15.20
C ARG A 169 -17.63 -19.37 15.44
N ASN A 170 -17.34 -18.08 15.37
CA ASN A 170 -18.35 -17.07 15.69
C ASN A 170 -19.51 -17.14 14.71
N PRO A 171 -20.73 -17.42 15.18
CA PRO A 171 -21.88 -17.47 14.27
C PRO A 171 -22.32 -16.11 13.75
N TYR A 172 -21.79 -15.02 14.29
CA TYR A 172 -22.16 -13.67 13.87
C TYR A 172 -21.36 -13.19 12.66
N TYR A 173 -20.43 -14.01 12.15
CA TYR A 173 -19.68 -13.69 10.95
C TYR A 173 -19.90 -14.69 9.82
N LYS A 174 -20.67 -15.73 10.06
CA LYS A 174 -20.94 -16.74 9.03
C LYS A 174 -22.13 -16.34 8.16
N LEU B 10 -16.60 -35.19 -17.45
CA LEU B 10 -16.08 -34.47 -16.29
C LEU B 10 -16.15 -32.97 -16.53
N GLY B 11 -16.41 -32.21 -15.46
CA GLY B 11 -16.47 -30.77 -15.52
C GLY B 11 -15.16 -30.12 -15.11
N ALA B 12 -15.15 -28.79 -15.17
CA ALA B 12 -13.95 -28.04 -14.80
C ALA B 12 -13.72 -28.10 -13.30
N ARG B 13 -14.78 -27.94 -12.50
CA ARG B 13 -14.64 -28.00 -11.05
C ARG B 13 -14.23 -29.39 -10.59
N ARG B 14 -14.91 -30.43 -11.06
CA ARG B 14 -14.58 -31.79 -10.67
C ARG B 14 -13.19 -32.19 -11.16
N GLY B 15 -12.75 -31.64 -12.29
CA GLY B 15 -11.42 -31.93 -12.77
C GLY B 15 -10.34 -31.34 -11.88
N LEU B 16 -10.56 -30.11 -11.39
CA LEU B 16 -9.60 -29.50 -10.48
C LEU B 16 -9.59 -30.23 -9.13
N GLU B 17 -10.73 -30.77 -8.72
CA GLU B 17 -10.78 -31.52 -7.46
C GLU B 17 -9.99 -32.83 -7.56
N TRP B 18 -10.10 -33.51 -8.70
CA TRP B 18 -9.28 -34.71 -8.91
C TRP B 18 -7.80 -34.37 -8.93
N PHE B 19 -7.44 -33.23 -9.54
CA PHE B 19 -6.05 -32.80 -9.55
C PHE B 19 -5.57 -32.46 -8.14
N LEU B 20 -6.43 -31.84 -7.33
CA LEU B 20 -6.05 -31.52 -5.96
C LEU B 20 -5.95 -32.77 -5.10
N GLY B 21 -6.74 -33.80 -5.41
CA GLY B 21 -6.65 -35.04 -4.66
C GLY B 21 -5.31 -35.73 -4.83
N PHE B 22 -4.84 -35.82 -6.07
CA PHE B 22 -3.53 -36.42 -6.32
C PHE B 22 -2.40 -35.57 -5.74
N TYR B 23 -2.58 -34.25 -5.69
CA TYR B 23 -1.56 -33.39 -5.10
C TYR B 23 -1.39 -33.68 -3.62
N PHE B 24 -2.49 -33.80 -2.88
CA PHE B 24 -2.40 -34.12 -1.46
C PHE B 24 -1.97 -35.57 -1.25
N LEU B 25 -2.35 -36.47 -2.16
CA LEU B 25 -1.93 -37.87 -2.03
C LEU B 25 -0.44 -38.01 -2.29
N SER B 26 0.08 -37.32 -3.31
CA SER B 26 1.50 -37.43 -3.63
C SER B 26 2.39 -36.74 -2.61
N HIS B 27 1.85 -35.77 -1.86
CA HIS B 27 2.67 -35.07 -0.87
C HIS B 27 2.94 -35.92 0.36
N ILE B 28 2.14 -36.96 0.61
CA ILE B 28 2.38 -37.81 1.76
C ILE B 28 3.71 -38.56 1.66
N PRO B 29 4.04 -39.23 0.55
CA PRO B 29 5.39 -39.82 0.45
C PRO B 29 6.47 -38.77 0.30
N ILE B 30 6.17 -37.64 -0.34
CA ILE B 30 7.18 -36.60 -0.54
C ILE B 30 7.60 -36.00 0.79
N THR B 31 6.62 -35.74 1.68
CA THR B 31 6.95 -35.22 3.00
C THR B 31 7.67 -36.26 3.83
N LEU B 32 7.17 -37.50 3.82
CA LEU B 32 7.71 -38.53 4.70
C LEU B 32 9.11 -38.95 4.27
N LEU B 33 9.28 -39.36 3.03
CA LEU B 33 10.51 -40.00 2.58
C LEU B 33 11.60 -39.02 2.16
N MET B 34 11.37 -37.71 2.27
CA MET B 34 12.33 -36.76 1.73
C MET B 34 12.48 -35.52 2.61
N ASP B 35 11.40 -34.77 2.78
CA ASP B 35 11.48 -33.48 3.45
C ASP B 35 11.80 -33.62 4.93
N LEU B 36 11.15 -34.56 5.61
CA LEU B 36 11.33 -34.71 7.05
C LEU B 36 12.69 -35.29 7.43
N GLN B 37 13.55 -35.61 6.47
CA GLN B 37 14.90 -36.05 6.80
C GLN B 37 15.75 -34.94 7.38
N GLY B 38 15.30 -33.68 7.29
CA GLY B 38 16.00 -32.56 7.89
C GLY B 38 15.61 -32.25 9.31
N VAL B 39 14.58 -32.92 9.84
CA VAL B 39 14.15 -32.74 11.21
C VAL B 39 14.20 -34.04 12.01
N LEU B 40 13.87 -35.16 11.36
CA LEU B 40 13.85 -36.47 12.01
C LEU B 40 15.22 -37.13 11.96
N PRO B 41 15.52 -38.02 12.90
CA PRO B 41 16.83 -38.68 12.91
C PRO B 41 17.05 -39.49 11.64
N ARG B 42 18.33 -39.63 11.27
CA ARG B 42 18.67 -40.35 10.05
C ARG B 42 18.42 -41.85 10.21
N ASP B 43 18.44 -42.35 11.45
CA ASP B 43 18.24 -43.78 11.67
C ASP B 43 16.82 -44.22 11.41
N LEU B 44 15.85 -43.30 11.43
CA LEU B 44 14.49 -43.63 11.05
C LEU B 44 14.34 -43.92 9.56
N TYR B 45 15.35 -43.59 8.76
CA TYR B 45 15.33 -43.78 7.32
C TYR B 45 16.34 -44.84 6.91
N PRO B 46 15.97 -45.75 6.00
CA PRO B 46 16.93 -46.73 5.48
C PRO B 46 18.03 -46.05 4.68
N VAL B 47 19.11 -46.81 4.48
CA VAL B 47 20.27 -46.28 3.75
C VAL B 47 19.90 -45.90 2.33
N GLU B 48 18.94 -46.61 1.72
CA GLU B 48 18.56 -46.32 0.35
C GLU B 48 17.92 -44.94 0.24
N LEU B 49 16.99 -44.62 1.15
CA LEU B 49 16.33 -43.32 1.11
C LEU B 49 17.28 -42.19 1.48
N ARG B 50 18.26 -42.45 2.35
CA ARG B 50 19.19 -41.41 2.74
C ARG B 50 20.09 -40.99 1.58
N ASN B 51 20.42 -41.92 0.69
CA ASN B 51 21.18 -41.56 -0.51
C ASN B 51 20.30 -40.92 -1.57
N LEU B 52 19.00 -41.23 -1.57
CA LEU B 52 18.09 -40.60 -2.53
C LEU B 52 17.99 -39.11 -2.29
N GLN B 53 18.00 -38.69 -1.02
CA GLN B 53 18.00 -37.26 -0.72
C GLN B 53 19.33 -36.62 -1.08
N GLN B 54 20.44 -37.32 -0.81
CA GLN B 54 21.74 -36.80 -1.18
C GLN B 54 21.89 -36.69 -2.69
N TRP B 55 21.25 -37.60 -3.45
CA TRP B 55 21.23 -37.49 -4.90
C TRP B 55 20.53 -36.21 -5.34
N TYR B 56 19.48 -35.82 -4.62
CA TYR B 56 18.78 -34.58 -4.94
C TYR B 56 19.61 -33.36 -4.54
N ILE B 57 20.21 -33.39 -3.35
CA ILE B 57 21.01 -32.27 -2.87
C ILE B 57 22.23 -32.05 -3.75
N GLU B 58 22.81 -33.12 -4.27
CA GLU B 58 24.01 -32.98 -5.10
C GLU B 58 23.65 -32.45 -6.49
N GLU B 59 22.55 -32.90 -7.06
CA GLU B 59 22.21 -32.51 -8.43
C GLU B 59 21.52 -31.16 -8.48
N PHE B 60 20.57 -30.91 -7.58
CA PHE B 60 19.82 -29.67 -7.57
C PHE B 60 20.48 -28.59 -6.72
N LYS B 61 21.47 -28.95 -5.90
CA LYS B 61 22.21 -28.01 -5.06
C LYS B 61 21.26 -27.22 -4.15
N ASP B 62 20.56 -27.96 -3.29
CA ASP B 62 19.58 -27.39 -2.38
C ASP B 62 20.27 -27.07 -1.05
N PRO B 63 20.42 -25.79 -0.69
CA PRO B 63 21.08 -25.46 0.58
C PRO B 63 20.17 -25.57 1.80
N LEU B 64 18.86 -25.71 1.61
CA LEU B 64 17.93 -25.72 2.74
C LEU B 64 17.64 -27.13 3.24
N LEU B 65 17.43 -28.10 2.34
CA LEU B 65 17.16 -29.46 2.78
C LEU B 65 18.42 -30.15 3.29
N GLN B 66 19.59 -29.75 2.79
CA GLN B 66 20.84 -30.37 3.23
C GLN B 66 21.07 -30.13 4.72
N THR B 67 21.20 -28.86 5.12
CA THR B 67 21.34 -28.48 6.51
C THR B 67 20.35 -27.36 6.77
N PRO B 68 19.22 -27.64 7.41
CA PRO B 68 18.15 -26.64 7.53
C PRO B 68 18.49 -25.56 8.54
N PRO B 69 18.40 -24.30 8.14
CA PRO B 69 18.49 -23.21 9.11
C PRO B 69 17.27 -23.22 10.03
N ALA B 70 17.35 -22.38 11.07
CA ALA B 70 16.30 -22.38 12.09
C ALA B 70 14.95 -21.99 11.51
N TRP B 71 14.93 -21.05 10.55
CA TRP B 71 13.67 -20.63 9.96
C TRP B 71 13.10 -21.71 9.05
N PHE B 72 13.96 -22.39 8.29
CA PHE B 72 13.48 -23.44 7.40
C PHE B 72 13.10 -24.69 8.19
N LYS B 73 13.83 -24.99 9.27
CA LYS B 73 13.49 -26.14 10.10
C LYS B 73 12.16 -25.94 10.81
N SER B 74 11.82 -24.70 11.15
CA SER B 74 10.53 -24.44 11.80
C SER B 74 9.38 -24.76 10.86
N PHE B 75 9.53 -24.45 9.57
CA PHE B 75 8.50 -24.81 8.60
C PHE B 75 8.40 -26.33 8.43
N LEU B 76 9.52 -27.04 8.57
CA LEU B 76 9.48 -28.50 8.45
C LEU B 76 8.72 -29.13 9.62
N PHE B 77 8.87 -28.56 10.82
CA PHE B 77 8.08 -29.06 11.96
C PHE B 77 6.60 -28.80 11.75
N CYS B 78 6.25 -27.69 11.11
CA CYS B 78 4.85 -27.42 10.80
C CYS B 78 4.34 -28.40 9.75
N GLU B 79 5.20 -28.78 8.80
CA GLU B 79 4.80 -29.76 7.79
C GLU B 79 4.53 -31.12 8.41
N LEU B 80 5.16 -31.42 9.54
CA LEU B 80 4.96 -32.71 10.20
C LEU B 80 3.71 -32.72 11.07
N VAL B 81 3.49 -31.67 11.86
CA VAL B 81 2.40 -31.65 12.82
C VAL B 81 1.08 -31.19 12.22
N PHE B 82 1.12 -30.26 11.26
CA PHE B 82 -0.10 -29.68 10.69
C PHE B 82 -0.39 -30.15 9.28
N GLN B 83 0.60 -30.09 8.37
CA GLN B 83 0.34 -30.38 6.97
C GLN B 83 0.17 -31.87 6.73
N LEU B 84 1.06 -32.70 7.29
CA LEU B 84 0.99 -34.14 7.04
C LEU B 84 -0.31 -34.77 7.52
N PRO B 85 -0.85 -34.46 8.71
CA PRO B 85 -2.17 -35.02 9.06
C PRO B 85 -3.29 -34.51 8.18
N PHE B 86 -3.15 -33.35 7.56
CA PHE B 86 -4.20 -32.78 6.72
C PHE B 86 -4.22 -33.37 5.31
N PHE B 87 -3.10 -33.92 4.84
CA PHE B 87 -3.04 -34.45 3.49
C PHE B 87 -4.02 -35.58 3.23
N PRO B 88 -4.10 -36.64 4.07
CA PRO B 88 -5.08 -37.70 3.78
C PRO B 88 -6.52 -37.23 3.88
N ILE B 89 -6.79 -36.24 4.72
CA ILE B 89 -8.16 -35.71 4.82
C ILE B 89 -8.53 -34.94 3.57
N ALA B 90 -7.61 -34.13 3.05
CA ALA B 90 -7.90 -33.33 1.88
C ALA B 90 -8.00 -34.17 0.62
N ALA B 91 -7.19 -35.23 0.52
CA ALA B 91 -7.27 -36.10 -0.66
C ALA B 91 -8.62 -36.81 -0.73
N TYR B 92 -9.13 -37.29 0.41
CA TYR B 92 -10.43 -37.94 0.43
C TYR B 92 -11.55 -36.98 0.06
N ALA B 93 -11.50 -35.76 0.62
CA ALA B 93 -12.60 -34.82 0.42
C ALA B 93 -12.71 -34.37 -1.04
N PHE B 94 -11.57 -34.14 -1.69
CA PHE B 94 -11.60 -33.68 -3.07
C PHE B 94 -11.81 -34.83 -4.05
N PHE B 95 -11.43 -36.05 -3.68
CA PHE B 95 -11.75 -37.21 -4.51
C PHE B 95 -13.23 -37.55 -4.43
N LYS B 96 -13.82 -37.46 -3.24
CA LYS B 96 -15.24 -37.76 -3.08
C LYS B 96 -16.10 -36.65 -3.65
N GLY B 97 -15.78 -35.40 -3.32
CA GLY B 97 -16.55 -34.26 -3.81
C GLY B 97 -17.70 -33.89 -2.88
N GLY B 98 -18.07 -32.61 -2.93
CA GLY B 98 -19.16 -32.11 -2.12
C GLY B 98 -18.87 -31.99 -0.64
N CYS B 99 -17.60 -32.05 -0.23
CA CYS B 99 -17.22 -31.92 1.18
C CYS B 99 -17.02 -30.44 1.49
N LYS B 100 -18.11 -29.76 1.85
CA LYS B 100 -18.05 -28.33 2.12
C LYS B 100 -17.28 -28.02 3.40
N TRP B 101 -17.10 -29.00 4.28
CA TRP B 101 -16.40 -28.77 5.54
C TRP B 101 -14.91 -28.55 5.36
N ILE B 102 -14.37 -28.71 4.15
CA ILE B 102 -12.93 -28.54 3.92
C ILE B 102 -12.58 -27.13 3.47
N ARG B 103 -13.57 -26.25 3.31
CA ARG B 103 -13.29 -24.91 2.79
C ARG B 103 -12.29 -24.16 3.67
N THR B 104 -12.67 -23.91 4.92
CA THR B 104 -11.76 -23.20 5.82
C THR B 104 -10.46 -23.94 6.08
N PRO B 105 -10.42 -25.25 6.32
CA PRO B 105 -9.12 -25.93 6.46
C PRO B 105 -8.24 -25.82 5.24
N ALA B 106 -8.82 -25.84 4.04
CA ALA B 106 -8.02 -25.71 2.83
C ALA B 106 -7.47 -24.30 2.69
N ILE B 107 -8.25 -23.28 3.10
CA ILE B 107 -7.75 -21.92 3.09
C ILE B 107 -6.61 -21.76 4.08
N ILE B 108 -6.74 -22.38 5.25
CA ILE B 108 -5.69 -22.31 6.27
C ILE B 108 -4.42 -23.00 5.76
N TYR B 109 -4.56 -24.16 5.12
CA TYR B 109 -3.41 -24.85 4.56
C TYR B 109 -2.76 -24.04 3.43
N SER B 110 -3.58 -23.47 2.55
CA SER B 110 -3.05 -22.78 1.39
C SER B 110 -2.25 -21.55 1.80
N VAL B 111 -2.83 -20.69 2.65
CA VAL B 111 -2.15 -19.47 3.07
C VAL B 111 -0.87 -19.80 3.84
N HIS B 112 -0.94 -20.83 4.70
CA HIS B 112 0.25 -21.24 5.43
C HIS B 112 1.34 -21.74 4.50
N THR B 113 0.99 -22.63 3.58
CA THR B 113 1.97 -23.15 2.63
C THR B 113 2.47 -22.06 1.69
N MET B 114 1.61 -21.11 1.32
CA MET B 114 2.04 -20.01 0.47
C MET B 114 2.93 -19.01 1.20
N THR B 115 2.92 -19.03 2.54
CA THR B 115 3.75 -18.13 3.32
C THR B 115 5.11 -18.73 3.65
N THR B 116 5.23 -20.06 3.64
CA THR B 116 6.51 -20.70 3.94
C THR B 116 7.48 -20.63 2.77
N LEU B 117 6.99 -20.49 1.53
CA LEU B 117 7.84 -20.55 0.36
C LEU B 117 8.28 -19.19 -0.16
N ILE B 118 7.53 -18.13 0.13
CA ILE B 118 7.94 -16.77 -0.24
C ILE B 118 9.34 -16.50 0.32
N PRO B 119 9.66 -16.86 1.58
CA PRO B 119 11.07 -16.78 2.00
C PRO B 119 11.95 -17.80 1.33
N ILE B 120 11.43 -19.00 1.02
CA ILE B 120 12.25 -20.01 0.34
C ILE B 120 12.57 -19.57 -1.07
N LEU B 121 11.55 -19.15 -1.84
CA LEU B 121 11.77 -18.73 -3.21
C LEU B 121 12.65 -17.49 -3.29
N SER B 122 12.50 -16.57 -2.32
CA SER B 122 13.32 -15.37 -2.30
C SER B 122 14.76 -15.70 -1.95
N THR B 123 14.96 -16.65 -1.03
CA THR B 123 16.32 -17.01 -0.61
C THR B 123 17.09 -17.67 -1.75
N LEU B 124 16.46 -18.61 -2.45
CA LEU B 124 17.15 -19.36 -3.50
C LEU B 124 17.47 -18.50 -4.71
N LEU B 125 16.78 -17.38 -4.89
CA LEU B 125 17.00 -16.52 -6.06
C LEU B 125 17.80 -15.27 -5.75
N LEU B 126 17.85 -14.84 -4.49
CA LEU B 126 18.51 -13.58 -4.14
C LEU B 126 19.68 -13.74 -3.17
N ASP B 127 19.71 -14.80 -2.36
CA ASP B 127 20.77 -14.94 -1.37
C ASP B 127 22.00 -15.57 -2.01
N ASP B 128 23.16 -15.29 -1.43
CA ASP B 128 24.43 -15.80 -1.91
C ASP B 128 24.76 -17.13 -1.23
N PHE B 129 25.30 -18.07 -2.01
CA PHE B 129 25.66 -19.39 -1.51
C PHE B 129 27.10 -19.73 -1.81
N SER B 130 27.97 -18.71 -1.85
CA SER B 130 29.39 -18.92 -2.09
C SER B 130 30.10 -19.25 -0.78
N LYS B 131 31.41 -19.46 -0.86
CA LYS B 131 32.18 -19.77 0.34
C LYS B 131 32.31 -18.58 1.28
N ALA B 132 32.07 -17.36 0.78
CA ALA B 132 32.09 -16.18 1.64
C ALA B 132 30.85 -16.09 2.53
N SER B 133 29.77 -16.76 2.16
CA SER B 133 28.54 -16.75 2.95
C SER B 133 28.60 -17.82 4.03
N HIS B 134 27.51 -17.94 4.80
CA HIS B 134 27.44 -18.92 5.87
C HIS B 134 27.12 -20.32 5.36
N PHE B 135 26.61 -20.45 4.13
CA PHE B 135 26.38 -21.76 3.54
C PHE B 135 27.68 -22.46 3.16
N ARG B 136 28.79 -21.73 3.11
CA ARG B 136 30.12 -22.31 2.87
C ARG B 136 30.21 -22.99 1.51
N GLY B 137 29.65 -22.34 0.49
CA GLY B 137 29.76 -22.81 -0.87
C GLY B 137 28.79 -23.89 -1.29
N GLN B 138 27.75 -24.17 -0.49
CA GLN B 138 26.76 -25.18 -0.83
C GLN B 138 25.49 -24.47 -1.29
N GLY B 139 25.14 -24.65 -2.55
CA GLY B 139 23.95 -24.04 -3.10
C GLY B 139 24.10 -23.66 -4.56
N PRO B 140 23.06 -23.07 -5.14
CA PRO B 140 23.13 -22.67 -6.55
C PRO B 140 24.05 -21.48 -6.75
N LYS B 141 24.75 -21.50 -7.88
CA LYS B 141 25.71 -20.45 -8.25
C LYS B 141 25.24 -19.63 -9.45
N THR B 142 24.90 -20.29 -10.54
CA THR B 142 24.42 -19.59 -11.73
C THR B 142 22.93 -19.34 -11.63
N PHE B 143 22.44 -18.41 -12.47
CA PHE B 143 21.01 -18.14 -12.49
C PHE B 143 20.22 -19.33 -13.01
N GLN B 144 20.83 -20.17 -13.85
CA GLN B 144 20.16 -21.37 -14.33
C GLN B 144 20.03 -22.40 -13.22
N GLU B 145 21.08 -22.54 -12.39
CA GLU B 145 21.00 -23.45 -11.24
C GLU B 145 19.98 -22.97 -10.22
N ARG B 146 19.75 -21.65 -10.13
CA ARG B 146 18.76 -21.15 -9.18
C ARG B 146 17.34 -21.45 -9.67
N LEU B 147 17.10 -21.32 -10.97
CA LEU B 147 15.78 -21.67 -11.50
C LEU B 147 15.55 -23.17 -11.52
N PHE B 148 16.63 -23.96 -11.67
CA PHE B 148 16.49 -25.41 -11.63
C PHE B 148 16.07 -25.89 -10.24
N LEU B 149 16.47 -25.17 -9.19
CA LEU B 149 16.05 -25.51 -7.85
C LEU B 149 14.69 -24.91 -7.52
N ILE B 150 14.44 -23.68 -8.01
CA ILE B 150 13.15 -23.03 -7.79
C ILE B 150 12.03 -23.81 -8.47
N SER B 151 12.35 -24.49 -9.59
CA SER B 151 11.34 -25.26 -10.31
C SER B 151 10.72 -26.35 -9.44
N VAL B 152 11.49 -26.89 -8.49
CA VAL B 152 10.96 -27.95 -7.65
C VAL B 152 10.04 -27.40 -6.57
N TYR B 153 10.29 -26.17 -6.10
CA TYR B 153 9.49 -25.55 -5.07
C TYR B 153 8.33 -24.73 -5.61
N ILE B 154 8.31 -24.44 -6.92
CA ILE B 154 7.27 -23.58 -7.48
C ILE B 154 5.89 -24.22 -7.40
N PRO B 155 5.69 -25.50 -7.77
CA PRO B 155 4.33 -26.05 -7.74
C PRO B 155 3.66 -25.98 -6.38
N TYR B 156 4.44 -25.98 -5.30
CA TYR B 156 3.87 -25.96 -3.96
C TYR B 156 3.56 -24.55 -3.46
N PHE B 157 3.75 -23.54 -4.32
CA PHE B 157 3.18 -22.22 -4.11
C PHE B 157 2.03 -21.92 -5.05
N LEU B 158 2.04 -22.49 -6.26
CA LEU B 158 0.98 -22.22 -7.23
C LEU B 158 -0.23 -23.11 -6.99
N ILE B 159 -0.02 -24.40 -6.72
CA ILE B 159 -1.15 -25.28 -6.43
C ILE B 159 -1.93 -24.84 -5.20
N PRO B 160 -1.29 -24.44 -4.08
CA PRO B 160 -2.08 -23.85 -2.99
C PRO B 160 -2.77 -22.56 -3.39
N LEU B 161 -2.17 -21.74 -4.25
CA LEU B 161 -2.82 -20.52 -4.70
C LEU B 161 -4.07 -20.83 -5.51
N ILE B 162 -4.02 -21.86 -6.36
CA ILE B 162 -5.21 -22.30 -7.08
C ILE B 162 -6.26 -22.78 -6.09
N LEU B 163 -5.83 -23.49 -5.05
CA LEU B 163 -6.78 -23.97 -4.04
C LEU B 163 -7.39 -22.82 -3.25
N LEU B 164 -6.61 -21.76 -3.00
CA LEU B 164 -7.12 -20.62 -2.26
C LEU B 164 -8.23 -19.91 -3.03
N LEU B 165 -7.98 -19.61 -4.30
CA LEU B 165 -8.99 -18.94 -5.12
C LEU B 165 -10.18 -19.85 -5.37
N PHE B 166 -9.96 -21.16 -5.44
CA PHE B 166 -11.06 -22.10 -5.65
C PHE B 166 -11.99 -22.13 -4.44
N MET B 167 -11.42 -22.18 -3.24
CA MET B 167 -12.24 -22.26 -2.03
C MET B 167 -13.00 -20.96 -1.76
N VAL B 168 -12.42 -19.82 -2.11
CA VAL B 168 -13.02 -18.54 -1.74
C VAL B 168 -14.29 -18.29 -2.55
N ARG B 169 -14.25 -18.56 -3.85
CA ARG B 169 -15.37 -18.14 -4.72
C ARG B 169 -16.35 -19.27 -5.03
N ASN B 170 -15.94 -20.54 -4.89
CA ASN B 170 -16.81 -21.63 -5.29
C ASN B 170 -18.07 -21.64 -4.43
N PRO B 171 -19.26 -21.46 -5.01
CA PRO B 171 -20.48 -21.50 -4.19
C PRO B 171 -20.78 -22.87 -3.61
N TYR B 172 -20.27 -23.95 -4.22
CA TYR B 172 -20.51 -25.28 -3.70
C TYR B 172 -19.75 -25.56 -2.40
N TYR B 173 -18.84 -24.68 -2.01
CA TYR B 173 -18.13 -24.82 -0.74
C TYR B 173 -18.52 -23.70 0.22
N LEU C 10 17.01 47.24 -4.10
CA LEU C 10 16.36 45.94 -4.15
C LEU C 10 16.27 45.44 -5.59
N GLY C 11 16.57 44.16 -5.79
CA GLY C 11 16.59 43.56 -7.11
C GLY C 11 15.27 42.87 -7.45
N ALA C 12 15.27 42.26 -8.64
CA ALA C 12 14.09 41.54 -9.10
C ALA C 12 13.96 40.19 -8.41
N ARG C 13 15.06 39.42 -8.35
CA ARG C 13 15.02 38.13 -7.68
C ARG C 13 14.80 38.30 -6.19
N ARG C 14 15.44 39.30 -5.58
CA ARG C 14 15.26 39.54 -4.15
C ARG C 14 13.87 40.08 -3.84
N GLY C 15 13.30 40.87 -4.76
CA GLY C 15 11.96 41.39 -4.53
C GLY C 15 10.91 40.31 -4.55
N LEU C 16 11.07 39.31 -5.42
CA LEU C 16 10.13 38.19 -5.46
C LEU C 16 10.25 37.34 -4.20
N GLU C 17 11.47 37.16 -3.69
CA GLU C 17 11.65 36.40 -2.46
C GLU C 17 11.05 37.11 -1.26
N TRP C 18 11.08 38.45 -1.26
CA TRP C 18 10.36 39.19 -0.21
C TRP C 18 8.85 39.04 -0.38
N PHE C 19 8.37 39.04 -1.62
CA PHE C 19 6.94 38.86 -1.87
C PHE C 19 6.49 37.46 -1.48
N LEU C 20 7.31 36.45 -1.76
CA LEU C 20 6.95 35.08 -1.38
C LEU C 20 6.94 34.90 0.13
N GLY C 21 7.87 35.57 0.82
CA GLY C 21 7.91 35.47 2.27
C GLY C 21 6.67 36.05 2.93
N PHE C 22 6.19 37.17 2.41
CA PHE C 22 4.95 37.75 2.92
C PHE C 22 3.72 36.95 2.51
N TYR C 23 3.80 36.21 1.40
CA TYR C 23 2.70 35.35 1.00
C TYR C 23 2.56 34.17 1.95
N PHE C 24 3.67 33.54 2.33
CA PHE C 24 3.62 32.44 3.28
C PHE C 24 3.35 32.93 4.71
N LEU C 25 3.84 34.13 5.05
CA LEU C 25 3.59 34.67 6.38
C LEU C 25 2.11 35.02 6.56
N SER C 26 1.51 35.67 5.56
CA SER C 26 0.11 36.04 5.65
C SER C 26 -0.83 34.84 5.50
N HIS C 27 -0.34 33.73 4.97
CA HIS C 27 -1.20 32.56 4.77
C HIS C 27 -1.52 31.86 6.09
N ILE C 28 -0.71 32.06 7.13
CA ILE C 28 -0.94 31.43 8.42
C ILE C 28 -2.19 32.01 9.07
N PRO C 29 -2.35 33.33 9.19
CA PRO C 29 -3.62 33.84 9.72
C PRO C 29 -4.79 33.64 8.77
N ILE C 30 -4.55 33.64 7.46
CA ILE C 30 -5.65 33.40 6.52
C ILE C 30 -6.18 31.99 6.66
N THR C 31 -5.28 31.01 6.79
CA THR C 31 -5.72 29.62 6.96
C THR C 31 -6.39 29.43 8.32
N LEU C 32 -5.79 29.95 9.38
CA LEU C 32 -6.28 29.68 10.73
C LEU C 32 -7.57 30.44 11.04
N LEU C 33 -7.65 31.70 10.63
CA LEU C 33 -8.77 32.55 11.01
C LEU C 33 -9.92 32.55 10.00
N MET C 34 -9.80 31.80 8.91
CA MET C 34 -10.85 31.88 7.88
C MET C 34 -11.05 30.55 7.15
N ASP C 35 -9.96 29.96 6.66
CA ASP C 35 -10.09 28.78 5.81
C ASP C 35 -10.50 27.55 6.60
N LEU C 36 -9.99 27.40 7.82
CA LEU C 36 -10.27 26.23 8.63
C LEU C 36 -11.63 26.28 9.32
N GLN C 37 -12.41 27.33 9.09
CA GLN C 37 -13.76 27.38 9.67
C GLN C 37 -14.74 26.43 9.00
N GLY C 38 -14.28 25.62 8.03
CA GLY C 38 -15.14 24.66 7.38
C GLY C 38 -14.87 23.24 7.85
N VAL C 39 -13.77 23.04 8.56
CA VAL C 39 -13.39 21.71 9.05
C VAL C 39 -13.27 21.74 10.57
N LEU C 40 -12.91 22.92 11.13
CA LEU C 40 -12.75 22.98 12.57
C LEU C 40 -14.05 23.42 13.24
N PRO C 41 -14.25 23.04 14.51
CA PRO C 41 -15.50 23.39 15.18
C PRO C 41 -15.71 24.89 15.29
N ARG C 42 -16.98 25.30 15.24
CA ARG C 42 -17.30 26.72 15.32
C ARG C 42 -16.99 27.30 16.69
N ASP C 43 -17.08 26.48 17.74
CA ASP C 43 -16.83 26.96 19.09
C ASP C 43 -15.38 27.37 19.30
N LEU C 44 -14.46 26.87 18.47
CA LEU C 44 -13.08 27.31 18.56
C LEU C 44 -12.95 28.79 18.22
N TYR C 45 -13.80 29.29 17.33
CA TYR C 45 -13.70 30.63 16.80
C TYR C 45 -14.60 31.59 17.58
N PRO C 46 -14.12 32.81 17.82
CA PRO C 46 -14.98 33.84 18.42
C PRO C 46 -16.10 34.23 17.48
N VAL C 47 -17.15 34.84 18.06
CA VAL C 47 -18.34 35.18 17.29
C VAL C 47 -18.04 36.23 16.23
N GLU C 48 -17.05 37.10 16.48
CA GLU C 48 -16.73 38.14 15.50
C GLU C 48 -16.09 37.55 14.25
N LEU C 49 -15.23 36.54 14.41
CA LEU C 49 -14.62 35.90 13.26
C LEU C 49 -15.61 35.05 12.48
N ARG C 50 -16.58 34.46 13.17
CA ARG C 50 -17.59 33.65 12.48
C ARG C 50 -18.57 34.53 11.70
N ASN C 51 -19.01 35.64 12.32
CA ASN C 51 -19.90 36.56 11.62
C ASN C 51 -19.19 37.33 10.51
N LEU C 52 -17.88 37.49 10.61
CA LEU C 52 -17.13 38.12 9.51
C LEU C 52 -17.09 37.20 8.30
N GLN C 53 -16.88 35.90 8.51
CA GLN C 53 -16.93 34.95 7.41
C GLN C 53 -18.33 34.84 6.83
N GLN C 54 -19.35 34.92 7.70
CA GLN C 54 -20.73 34.90 7.21
C GLN C 54 -21.03 36.12 6.34
N TRP C 55 -20.38 37.25 6.63
CA TRP C 55 -20.53 38.42 5.77
C TRP C 55 -19.95 38.17 4.39
N TYR C 56 -18.77 37.57 4.32
CA TYR C 56 -18.15 37.27 3.03
C TYR C 56 -18.98 36.26 2.26
N ILE C 57 -19.57 35.30 2.96
CA ILE C 57 -20.37 34.27 2.28
C ILE C 57 -21.62 34.87 1.65
N GLU C 58 -22.28 35.79 2.37
CA GLU C 58 -23.53 36.35 1.87
C GLU C 58 -23.30 37.42 0.81
N GLU C 59 -22.31 38.30 1.02
CA GLU C 59 -22.08 39.39 0.09
C GLU C 59 -21.43 38.92 -1.21
N PHE C 60 -20.43 38.06 -1.12
CA PHE C 60 -19.69 37.60 -2.29
C PHE C 60 -20.29 36.35 -2.91
N LYS C 61 -21.29 35.73 -2.27
CA LYS C 61 -21.99 34.55 -2.78
C LYS C 61 -21.02 33.38 -2.99
N ASP C 62 -20.14 33.18 -2.03
CA ASP C 62 -19.20 32.05 -2.10
C ASP C 62 -19.93 30.76 -1.76
N PRO C 63 -20.02 29.80 -2.69
CA PRO C 63 -20.75 28.56 -2.40
C PRO C 63 -19.91 27.44 -1.81
N LEU C 64 -18.59 27.58 -1.80
CA LEU C 64 -17.71 26.51 -1.32
C LEU C 64 -17.39 26.65 0.16
N LEU C 65 -17.19 27.87 0.64
CA LEU C 65 -16.92 28.06 2.07
C LEU C 65 -18.15 27.80 2.93
N GLN C 66 -19.35 27.90 2.36
CA GLN C 66 -20.57 27.57 3.06
C GLN C 66 -20.96 26.12 2.73
N THR C 67 -20.96 25.27 3.77
CA THR C 67 -21.19 23.84 3.62
C THR C 67 -20.25 23.27 2.57
N PRO C 68 -18.97 23.07 2.90
CA PRO C 68 -18.00 22.61 1.91
C PRO C 68 -18.28 21.18 1.49
N PRO C 69 -18.23 20.89 0.19
CA PRO C 69 -18.39 19.51 -0.27
C PRO C 69 -17.23 18.64 0.19
N ALA C 70 -17.37 17.34 -0.08
CA ALA C 70 -16.34 16.38 0.35
C ALA C 70 -15.00 16.68 -0.31
N TRP C 71 -15.01 17.06 -1.58
CA TRP C 71 -13.75 17.35 -2.27
C TRP C 71 -13.11 18.63 -1.75
N PHE C 72 -13.92 19.60 -1.32
CA PHE C 72 -13.37 20.85 -0.81
C PHE C 72 -12.86 20.68 0.62
N LYS C 73 -13.54 19.85 1.42
CA LYS C 73 -13.06 19.58 2.77
C LYS C 73 -11.72 18.86 2.76
N SER C 74 -11.50 17.98 1.78
CA SER C 74 -10.23 17.27 1.70
C SER C 74 -9.08 18.23 1.48
N PHE C 75 -9.27 19.24 0.61
CA PHE C 75 -8.22 20.23 0.39
C PHE C 75 -7.98 21.08 1.64
N LEU C 76 -9.05 21.40 2.38
CA LEU C 76 -8.89 22.15 3.62
C LEU C 76 -8.12 21.34 4.66
N PHE C 77 -8.35 20.02 4.69
CA PHE C 77 -7.57 19.17 5.59
C PHE C 77 -6.12 19.07 5.13
N CYS C 78 -5.89 19.05 3.82
CA CYS C 78 -4.53 19.10 3.31
C CYS C 78 -3.85 20.40 3.68
N GLU C 79 -4.61 21.50 3.68
CA GLU C 79 -4.05 22.79 4.10
C GLU C 79 -3.71 22.79 5.57
N LEU C 80 -4.47 22.05 6.39
CA LEU C 80 -4.21 22.01 7.82
C LEU C 80 -2.97 21.15 8.13
N VAL C 81 -2.88 19.98 7.52
CA VAL C 81 -1.84 19.03 7.89
C VAL C 81 -0.54 19.31 7.16
N PHE C 82 -0.61 19.66 5.87
CA PHE C 82 0.58 19.80 5.03
C PHE C 82 1.01 21.25 4.86
N GLN C 83 0.10 22.11 4.38
CA GLN C 83 0.48 23.45 3.96
C GLN C 83 0.79 24.34 5.16
N LEU C 84 -0.02 24.25 6.22
CA LEU C 84 0.15 25.14 7.36
C LEU C 84 1.51 24.98 8.04
N PRO C 85 2.01 23.77 8.33
CA PRO C 85 3.36 23.66 8.89
C PRO C 85 4.45 24.10 7.94
N PHE C 86 4.19 24.15 6.62
CA PHE C 86 5.19 24.58 5.67
C PHE C 86 5.27 26.09 5.52
N PHE C 87 4.21 26.81 5.89
CA PHE C 87 4.23 28.26 5.78
C PHE C 87 5.35 28.92 6.57
N PRO C 88 5.56 28.63 7.86
CA PRO C 88 6.63 29.33 8.58
C PRO C 88 8.01 29.02 8.05
N ILE C 89 8.27 27.77 7.66
CA ILE C 89 9.58 27.41 7.11
C ILE C 89 9.79 28.12 5.78
N ALA C 90 8.75 28.18 4.93
CA ALA C 90 8.89 28.84 3.65
C ALA C 90 9.05 30.35 3.80
N ALA C 91 8.40 30.95 4.81
CA ALA C 91 8.54 32.37 5.04
C ALA C 91 9.98 32.71 5.43
N TYR C 92 10.59 31.91 6.30
CA TYR C 92 11.96 32.18 6.73
C TYR C 92 12.96 31.97 5.59
N ALA C 93 12.73 30.95 4.76
CA ALA C 93 13.70 30.64 3.70
C ALA C 93 13.77 31.74 2.66
N PHE C 94 12.62 32.31 2.27
CA PHE C 94 12.61 33.36 1.28
C PHE C 94 12.87 34.75 1.88
N PHE C 95 12.63 34.92 3.18
CA PHE C 95 13.05 36.16 3.84
C PHE C 95 14.57 36.20 4.01
N LYS C 96 15.15 35.09 4.47
CA LYS C 96 16.61 35.03 4.62
C LYS C 96 17.29 35.05 3.25
N GLY C 97 16.91 34.14 2.37
CA GLY C 97 17.46 34.09 1.04
C GLY C 97 18.62 33.10 0.93
N GLY C 98 18.79 32.57 -0.27
CA GLY C 98 19.87 31.62 -0.52
C GLY C 98 19.65 30.23 0.04
N CYS C 99 18.44 29.93 0.52
CA CYS C 99 18.15 28.62 1.11
C CYS C 99 17.80 27.65 -0.02
N LYS C 100 18.82 26.97 -0.54
CA LYS C 100 18.62 26.03 -1.63
C LYS C 100 17.92 24.74 -1.20
N TRP C 101 17.77 24.51 0.11
CA TRP C 101 17.14 23.30 0.61
C TRP C 101 15.63 23.32 0.48
N ILE C 102 15.05 24.39 -0.07
CA ILE C 102 13.60 24.53 -0.19
C ILE C 102 13.13 24.38 -1.63
N ARG C 103 14.04 24.04 -2.55
CA ARG C 103 13.65 23.89 -3.95
C ARG C 103 12.60 22.80 -4.12
N THR C 104 12.95 21.57 -3.77
CA THR C 104 12.00 20.47 -3.88
C THR C 104 10.78 20.62 -2.98
N PRO C 105 10.88 21.07 -1.72
CA PRO C 105 9.66 21.29 -0.93
C PRO C 105 8.73 22.34 -1.53
N ALA C 106 9.27 23.47 -1.99
CA ALA C 106 8.41 24.51 -2.57
C ALA C 106 7.79 24.05 -3.88
N ILE C 107 8.50 23.23 -4.65
CA ILE C 107 7.92 22.66 -5.87
C ILE C 107 6.74 21.76 -5.53
N ILE C 108 6.89 20.96 -4.47
CA ILE C 108 5.80 20.06 -4.05
C ILE C 108 4.61 20.89 -3.57
N TYR C 109 4.86 21.94 -2.79
CA TYR C 109 3.77 22.79 -2.33
C TYR C 109 3.08 23.49 -3.50
N SER C 110 3.86 23.92 -4.49
CA SER C 110 3.28 24.64 -5.62
C SER C 110 2.33 23.76 -6.43
N VAL C 111 2.80 22.57 -6.81
CA VAL C 111 1.97 21.67 -7.61
C VAL C 111 0.76 21.22 -6.83
N HIS C 112 0.92 20.99 -5.52
CA HIS C 112 -0.21 20.61 -4.69
C HIS C 112 -1.25 21.73 -4.62
N THR C 113 -0.80 22.96 -4.38
CA THR C 113 -1.74 24.08 -4.24
C THR C 113 -2.44 24.38 -5.57
N MET C 114 -1.67 24.47 -6.66
CA MET C 114 -2.26 24.73 -7.96
C MET C 114 -3.33 23.68 -8.31
N THR C 115 -3.06 22.42 -7.98
CA THR C 115 -4.01 21.35 -8.28
C THR C 115 -5.28 21.49 -7.44
N THR C 116 -5.18 22.08 -6.25
CA THR C 116 -6.35 22.25 -5.40
C THR C 116 -7.28 23.35 -5.90
N LEU C 117 -6.74 24.34 -6.63
CA LEU C 117 -7.54 25.48 -7.08
C LEU C 117 -8.08 25.33 -8.49
N ILE C 118 -7.57 24.38 -9.28
CA ILE C 118 -8.15 24.12 -10.59
C ILE C 118 -9.62 23.72 -10.49
N PRO C 119 -10.02 22.80 -9.60
CA PRO C 119 -11.46 22.53 -9.46
C PRO C 119 -12.21 23.67 -8.78
N ILE C 120 -11.56 24.45 -7.93
CA ILE C 120 -12.23 25.57 -7.28
C ILE C 120 -12.61 26.64 -8.31
N LEU C 121 -11.62 27.08 -9.10
CA LEU C 121 -11.89 28.12 -10.10
C LEU C 121 -12.78 27.60 -11.23
N SER C 122 -12.67 26.32 -11.58
CA SER C 122 -13.52 25.78 -12.64
C SER C 122 -14.96 25.66 -12.18
N THR C 123 -15.20 25.36 -10.90
CA THR C 123 -16.57 25.28 -10.40
C THR C 123 -17.20 26.66 -10.31
N LEU C 124 -16.43 27.66 -9.87
CA LEU C 124 -16.95 29.01 -9.74
C LEU C 124 -17.27 29.64 -11.10
N LEU C 125 -16.70 29.12 -12.18
CA LEU C 125 -16.87 29.71 -13.50
C LEU C 125 -17.88 29.01 -14.38
N LEU C 126 -18.02 27.68 -14.24
CA LEU C 126 -18.81 26.90 -15.19
C LEU C 126 -19.98 26.15 -14.57
N ASP C 127 -19.98 25.90 -13.26
CA ASP C 127 -21.06 25.14 -12.66
C ASP C 127 -22.28 26.05 -12.44
N ASP C 128 -23.44 25.42 -12.36
CA ASP C 128 -24.71 26.13 -12.19
C ASP C 128 -25.11 26.10 -10.72
N PHE C 129 -25.38 27.29 -10.17
CA PHE C 129 -25.76 27.41 -8.78
C PHE C 129 -27.20 27.89 -8.62
N ARG C 136 -26.46 25.35 -3.47
CA ARG C 136 -27.90 25.19 -3.23
C ARG C 136 -28.60 26.55 -3.22
N GLY C 137 -28.42 27.30 -4.31
CA GLY C 137 -29.02 28.62 -4.45
C GLY C 137 -28.22 29.76 -3.86
N GLN C 138 -27.08 29.47 -3.23
CA GLN C 138 -26.27 30.49 -2.58
C GLN C 138 -25.00 30.79 -3.37
N GLY C 139 -24.94 30.37 -4.63
CA GLY C 139 -23.80 30.62 -5.47
C GLY C 139 -23.96 31.83 -6.36
N PRO C 140 -22.92 32.17 -7.13
CA PRO C 140 -22.97 33.33 -8.03
C PRO C 140 -23.82 33.01 -9.25
N LYS C 141 -24.86 33.83 -9.48
CA LYS C 141 -25.73 33.65 -10.63
C LYS C 141 -25.23 34.40 -11.86
N THR C 142 -24.80 35.65 -11.69
CA THR C 142 -24.27 36.43 -12.79
C THR C 142 -22.80 36.11 -13.03
N PHE C 143 -22.28 36.55 -14.18
CA PHE C 143 -20.88 36.36 -14.47
C PHE C 143 -19.99 37.31 -13.68
N GLN C 144 -20.49 38.50 -13.36
CA GLN C 144 -19.72 39.44 -12.55
C GLN C 144 -19.56 38.94 -11.12
N GLU C 145 -20.59 38.26 -10.58
CA GLU C 145 -20.45 37.67 -9.26
C GLU C 145 -19.46 36.52 -9.26
N ARG C 146 -19.32 35.83 -10.39
CA ARG C 146 -18.29 34.81 -10.51
C ARG C 146 -16.90 35.43 -10.55
N LEU C 147 -16.79 36.65 -11.07
CA LEU C 147 -15.49 37.29 -11.21
C LEU C 147 -14.93 37.72 -9.86
N PHE C 148 -15.78 38.30 -9.01
CA PHE C 148 -15.34 38.66 -7.66
C PHE C 148 -14.94 37.43 -6.87
N LEU C 149 -15.60 36.30 -7.11
CA LEU C 149 -15.25 35.06 -6.42
C LEU C 149 -13.96 34.47 -6.96
N ILE C 150 -13.75 34.54 -8.26
CA ILE C 150 -12.48 34.10 -8.83
C ILE C 150 -11.35 35.04 -8.38
N SER C 151 -11.65 36.32 -8.20
CA SER C 151 -10.62 37.29 -7.87
C SER C 151 -10.00 37.01 -6.50
N VAL C 152 -10.77 36.46 -5.56
CA VAL C 152 -10.24 36.18 -4.23
C VAL C 152 -9.55 34.82 -4.14
N TYR C 153 -9.72 33.96 -5.14
CA TYR C 153 -9.04 32.68 -5.17
C TYR C 153 -7.86 32.64 -6.14
N ILE C 154 -7.90 33.42 -7.22
CA ILE C 154 -6.89 33.35 -8.27
C ILE C 154 -5.48 33.71 -7.79
N PRO C 155 -5.27 34.57 -6.79
CA PRO C 155 -3.88 34.81 -6.34
C PRO C 155 -3.22 33.59 -5.74
N TYR C 156 -3.97 32.62 -5.25
CA TYR C 156 -3.41 31.41 -4.66
C TYR C 156 -3.22 30.30 -5.68
N PHE C 157 -3.49 30.57 -6.95
CA PHE C 157 -3.03 29.71 -8.04
C PHE C 157 -1.87 30.31 -8.81
N LEU C 158 -1.80 31.64 -8.89
CA LEU C 158 -0.75 32.31 -9.66
C LEU C 158 0.54 32.41 -8.86
N ILE C 159 0.46 32.71 -7.56
CA ILE C 159 1.66 32.76 -6.73
C ILE C 159 2.34 31.40 -6.63
N PRO C 160 1.63 30.29 -6.41
CA PRO C 160 2.30 28.98 -6.53
C PRO C 160 2.80 28.69 -7.94
N LEU C 161 2.10 29.18 -8.97
CA LEU C 161 2.59 29.02 -10.34
C LEU C 161 3.91 29.74 -10.53
N ILE C 162 4.02 30.97 -10.04
CA ILE C 162 5.28 31.71 -10.12
C ILE C 162 6.36 31.00 -9.32
N LEU C 163 6.00 30.44 -8.17
CA LEU C 163 6.97 29.72 -7.35
C LEU C 163 7.51 28.49 -8.08
N LEU C 164 6.63 27.77 -8.79
CA LEU C 164 7.08 26.60 -9.53
C LEU C 164 8.06 27.00 -10.62
N LEU C 165 7.75 28.05 -11.38
CA LEU C 165 8.67 28.55 -12.39
C LEU C 165 9.94 29.12 -11.77
N PHE C 166 9.88 29.55 -10.52
CA PHE C 166 11.04 30.18 -9.88
C PHE C 166 12.03 29.14 -9.36
N MET C 167 11.54 28.02 -8.83
CA MET C 167 12.43 26.99 -8.30
C MET C 167 12.90 26.02 -9.39
N VAL C 168 12.27 26.03 -10.55
CA VAL C 168 12.63 25.06 -11.59
C VAL C 168 13.89 25.47 -12.32
N ARG C 169 14.02 26.75 -12.65
CA ARG C 169 15.09 27.22 -13.52
C ARG C 169 16.12 28.09 -12.80
N ASN C 170 16.02 28.22 -11.49
CA ASN C 170 16.93 29.11 -10.76
C ASN C 170 18.22 28.37 -10.43
N PRO C 171 19.37 28.82 -10.94
CA PRO C 171 20.65 28.23 -10.54
C PRO C 171 21.05 28.59 -9.12
N TYR C 172 20.31 29.48 -8.45
CA TYR C 172 20.60 29.84 -7.07
C TYR C 172 20.04 28.83 -6.07
N TYR C 173 19.02 28.06 -6.45
CA TYR C 173 18.41 27.08 -5.57
C TYR C 173 18.75 25.65 -5.97
N LYS C 174 19.81 25.45 -6.73
CA LYS C 174 20.22 24.12 -7.15
C LYS C 174 21.63 23.80 -6.67
N GLY D 11 19.59 -4.08 -9.09
CA GLY D 11 18.46 -4.81 -9.63
C GLY D 11 17.12 -4.29 -9.15
N ALA D 12 17.08 -3.86 -7.89
CA ALA D 12 15.83 -3.32 -7.32
C ALA D 12 15.45 -2.01 -8.00
N ARG D 13 16.42 -1.11 -8.17
CA ARG D 13 16.15 0.16 -8.86
C ARG D 13 15.68 -0.09 -10.28
N ARG D 14 16.39 -0.95 -11.02
CA ARG D 14 15.99 -1.28 -12.38
C ARG D 14 14.62 -1.95 -12.41
N GLY D 15 14.36 -2.83 -11.45
CA GLY D 15 13.06 -3.46 -11.38
C GLY D 15 11.94 -2.47 -11.09
N LEU D 16 12.21 -1.49 -10.22
CA LEU D 16 11.24 -0.45 -9.97
C LEU D 16 11.07 0.46 -11.18
N GLU D 17 12.17 0.74 -11.89
CA GLU D 17 12.09 1.54 -13.11
C GLU D 17 11.27 0.83 -14.18
N TRP D 18 11.37 -0.50 -14.25
CA TRP D 18 10.60 -1.24 -15.23
C TRP D 18 9.12 -1.29 -14.85
N PHE D 19 8.83 -1.37 -13.55
CA PHE D 19 7.43 -1.34 -13.12
C PHE D 19 6.80 0.03 -13.40
N LEU D 20 7.54 1.11 -13.13
CA LEU D 20 7.05 2.44 -13.44
C LEU D 20 6.88 2.63 -14.94
N GLY D 21 7.70 1.95 -15.74
CA GLY D 21 7.58 2.08 -17.19
C GLY D 21 6.27 1.54 -17.71
N PHE D 22 5.89 0.33 -17.26
CA PHE D 22 4.61 -0.24 -17.66
C PHE D 22 3.43 0.50 -17.06
N TYR D 23 3.63 1.19 -15.93
CA TYR D 23 2.56 2.01 -15.36
C TYR D 23 2.24 3.19 -16.25
N PHE D 24 3.27 3.92 -16.70
CA PHE D 24 3.04 5.04 -17.60
C PHE D 24 2.61 4.55 -18.99
N LEU D 25 3.09 3.39 -19.41
CA LEU D 25 2.72 2.86 -20.72
C LEU D 25 1.24 2.44 -20.73
N SER D 26 0.82 1.68 -19.73
CA SER D 26 -0.57 1.24 -19.66
C SER D 26 -1.53 2.38 -19.39
N HIS D 27 -1.04 3.51 -18.88
CA HIS D 27 -1.93 4.63 -18.60
C HIS D 27 -2.40 5.34 -19.87
N ILE D 28 -1.68 5.16 -20.98
CA ILE D 28 -2.03 5.82 -22.23
C ILE D 28 -3.34 5.24 -22.78
N PRO D 29 -3.50 3.92 -22.91
CA PRO D 29 -4.81 3.41 -23.33
C PRO D 29 -5.88 3.57 -22.26
N ILE D 30 -5.48 3.56 -20.98
CA ILE D 30 -6.45 3.72 -19.90
C ILE D 30 -7.04 5.13 -19.92
N THR D 31 -6.20 6.14 -20.11
CA THR D 31 -6.70 7.51 -20.15
C THR D 31 -7.54 7.76 -21.40
N LEU D 32 -7.03 7.34 -22.57
CA LEU D 32 -7.71 7.61 -23.82
C LEU D 32 -9.05 6.90 -23.91
N LEU D 33 -9.04 5.56 -23.81
CA LEU D 33 -10.22 4.76 -24.13
C LEU D 33 -11.24 4.71 -23.00
N MET D 34 -10.90 5.12 -21.79
CA MET D 34 -11.81 4.97 -20.66
C MET D 34 -12.04 6.29 -19.93
N ASP D 35 -10.97 6.95 -19.51
CA ASP D 35 -11.10 8.13 -18.66
C ASP D 35 -11.69 9.32 -19.43
N LEU D 36 -11.16 9.59 -20.62
CA LEU D 36 -11.55 10.77 -21.37
C LEU D 36 -12.91 10.67 -22.03
N GLN D 37 -13.64 9.58 -21.81
CA GLN D 37 -15.00 9.49 -22.35
C GLN D 37 -15.96 10.47 -21.68
N GLY D 38 -15.57 11.07 -20.56
CA GLY D 38 -16.38 12.07 -19.90
C GLY D 38 -16.17 13.50 -20.36
N VAL D 39 -15.11 13.75 -21.14
CA VAL D 39 -14.82 15.09 -21.63
C VAL D 39 -14.85 15.08 -23.16
N LEU D 40 -14.44 13.93 -23.77
CA LEU D 40 -14.43 13.86 -25.23
C LEU D 40 -15.81 13.45 -25.75
N PRO D 41 -16.16 13.85 -26.98
CA PRO D 41 -17.47 13.52 -27.52
C PRO D 41 -17.67 12.02 -27.66
N ARG D 42 -18.94 11.62 -27.70
CA ARG D 42 -19.27 10.21 -27.86
C ARG D 42 -18.87 9.71 -29.24
N ASP D 43 -19.02 10.54 -30.27
CA ASP D 43 -18.77 10.14 -31.65
C ASP D 43 -17.31 9.77 -31.90
N LEU D 44 -16.39 10.21 -31.04
CA LEU D 44 -14.99 9.84 -31.18
C LEU D 44 -14.74 8.38 -30.81
N TYR D 45 -15.60 7.79 -29.99
CA TYR D 45 -15.38 6.43 -29.54
C TYR D 45 -16.30 5.46 -30.27
N PRO D 46 -15.79 4.29 -30.66
CA PRO D 46 -16.65 3.26 -31.25
C PRO D 46 -17.70 2.80 -30.25
N VAL D 47 -18.77 2.19 -30.79
CA VAL D 47 -19.88 1.74 -29.95
C VAL D 47 -19.43 0.71 -28.94
N GLU D 48 -18.43 -0.10 -29.29
CA GLU D 48 -17.96 -1.14 -28.37
C GLU D 48 -17.23 -0.53 -27.18
N LEU D 49 -16.33 0.43 -27.43
CA LEU D 49 -15.59 1.07 -26.34
C LEU D 49 -16.52 1.84 -25.42
N ARG D 50 -17.60 2.41 -25.95
CA ARG D 50 -18.56 3.11 -25.11
C ARG D 50 -19.28 2.15 -24.18
N ASN D 51 -19.64 0.96 -24.69
CA ASN D 51 -20.28 -0.03 -23.84
C ASN D 51 -19.31 -0.61 -22.83
N LEU D 52 -18.01 -0.65 -23.15
CA LEU D 52 -17.02 -1.12 -22.19
C LEU D 52 -16.95 -0.20 -20.98
N GLN D 53 -17.20 1.09 -21.17
CA GLN D 53 -17.25 2.01 -20.03
C GLN D 53 -18.56 1.86 -19.26
N GLN D 54 -19.67 1.65 -19.97
CA GLN D 54 -20.94 1.41 -19.29
C GLN D 54 -20.92 0.11 -18.49
N TRP D 55 -20.12 -0.86 -18.94
CA TRP D 55 -19.93 -2.07 -18.15
C TRP D 55 -19.18 -1.77 -16.86
N TYR D 56 -18.24 -0.84 -16.91
CA TYR D 56 -17.49 -0.47 -15.72
C TYR D 56 -18.36 0.30 -14.73
N ILE D 57 -19.12 1.28 -15.25
CA ILE D 57 -19.91 2.15 -14.37
C ILE D 57 -21.03 1.38 -13.70
N GLU D 58 -21.58 0.36 -14.36
CA GLU D 58 -22.68 -0.40 -13.79
C GLU D 58 -22.24 -1.54 -12.90
N GLU D 59 -20.99 -2.00 -13.02
CA GLU D 59 -20.49 -3.04 -12.13
C GLU D 59 -19.76 -2.44 -10.92
N PHE D 60 -18.82 -1.54 -11.16
CA PHE D 60 -18.08 -0.90 -10.08
C PHE D 60 -18.87 0.23 -9.42
N LYS D 61 -19.98 0.65 -10.01
CA LYS D 61 -20.84 1.71 -9.48
C LYS D 61 -20.03 3.00 -9.26
N ASP D 62 -19.59 3.56 -10.39
CA ASP D 62 -18.80 4.78 -10.39
C ASP D 62 -19.71 5.97 -10.63
N PRO D 63 -19.81 6.91 -9.70
CA PRO D 63 -20.62 8.12 -9.91
C PRO D 63 -19.88 9.28 -10.53
N LEU D 64 -18.57 9.16 -10.76
CA LEU D 64 -17.76 10.28 -11.23
C LEU D 64 -17.34 10.17 -12.69
N LEU D 65 -17.21 8.96 -13.24
CA LEU D 65 -16.81 8.83 -14.63
C LEU D 65 -17.97 9.10 -15.58
N GLN D 66 -19.13 8.49 -15.33
CA GLN D 66 -20.26 8.62 -16.25
C GLN D 66 -20.78 10.06 -16.26
N THR D 67 -21.21 10.55 -15.10
CA THR D 67 -21.70 11.92 -14.94
C THR D 67 -20.63 12.70 -14.18
N PRO D 68 -19.65 13.28 -14.87
CA PRO D 68 -18.54 13.91 -14.17
C PRO D 68 -18.92 15.28 -13.62
N PRO D 69 -18.76 15.49 -12.31
CA PRO D 69 -18.96 16.83 -11.75
C PRO D 69 -17.89 17.79 -12.23
N ALA D 70 -18.14 19.09 -12.01
CA ALA D 70 -17.23 20.12 -12.51
C ALA D 70 -15.84 20.00 -11.93
N TRP D 71 -15.74 19.58 -10.66
CA TRP D 71 -14.42 19.44 -10.05
C TRP D 71 -13.68 18.21 -10.55
N PHE D 72 -14.41 17.15 -10.91
CA PHE D 72 -13.76 15.96 -11.44
C PHE D 72 -13.39 16.14 -12.91
N LYS D 73 -14.19 16.93 -13.64
CA LYS D 73 -13.88 17.21 -15.04
C LYS D 73 -12.62 18.07 -15.17
N SER D 74 -12.36 18.95 -14.19
CA SER D 74 -11.14 19.74 -14.23
C SER D 74 -9.91 18.86 -14.18
N PHE D 75 -9.95 17.80 -13.36
CA PHE D 75 -8.84 16.87 -13.30
C PHE D 75 -8.73 16.07 -14.59
N LEU D 76 -9.88 15.72 -15.20
CA LEU D 76 -9.84 14.97 -16.45
C LEU D 76 -9.24 15.80 -17.58
N PHE D 77 -9.46 17.12 -17.57
CA PHE D 77 -8.82 17.97 -18.57
C PHE D 77 -7.33 18.12 -18.29
N CYS D 78 -6.95 18.14 -17.00
CA CYS D 78 -5.53 18.13 -16.66
C CYS D 78 -4.86 16.84 -17.10
N GLU D 79 -5.57 15.72 -17.00
CA GLU D 79 -5.03 14.45 -17.48
C GLU D 79 -4.86 14.45 -18.99
N LEU D 80 -5.71 15.20 -19.70
CA LEU D 80 -5.62 15.25 -21.16
C LEU D 80 -4.51 16.18 -21.63
N VAL D 81 -4.34 17.32 -20.97
CA VAL D 81 -3.39 18.32 -21.44
C VAL D 81 -2.01 18.17 -20.82
N PHE D 82 -1.93 17.76 -19.56
CA PHE D 82 -0.66 17.68 -18.84
C PHE D 82 -0.16 16.27 -18.62
N GLN D 83 -1.03 15.33 -18.24
CA GLN D 83 -0.57 13.99 -17.89
C GLN D 83 -0.34 13.14 -19.13
N LEU D 84 -1.31 13.10 -20.04
CA LEU D 84 -1.19 12.25 -21.23
C LEU D 84 0.05 12.55 -22.07
N PRO D 85 0.42 13.81 -22.33
CA PRO D 85 1.69 14.04 -23.05
C PRO D 85 2.90 13.57 -22.28
N PHE D 86 2.83 13.50 -20.95
CA PHE D 86 3.97 13.10 -20.14
C PHE D 86 4.13 11.58 -20.06
N PHE D 87 3.06 10.82 -20.28
CA PHE D 87 3.15 9.36 -20.16
C PHE D 87 4.16 8.74 -21.11
N PRO D 88 4.19 9.07 -22.42
CA PRO D 88 5.20 8.44 -23.28
C PRO D 88 6.62 8.82 -22.92
N ILE D 89 6.84 10.07 -22.54
CA ILE D 89 8.19 10.51 -22.15
C ILE D 89 8.64 9.79 -20.90
N ALA D 90 7.73 9.59 -19.94
CA ALA D 90 8.09 8.96 -18.68
C ALA D 90 8.38 7.48 -18.86
N ALA D 91 7.59 6.78 -19.68
CA ALA D 91 7.83 5.36 -19.90
C ALA D 91 9.19 5.13 -20.55
N TYR D 92 9.57 5.98 -21.51
CA TYR D 92 10.86 5.85 -22.16
C TYR D 92 12.01 6.05 -21.17
N ALA D 93 11.88 7.03 -20.29
CA ALA D 93 12.97 7.34 -19.37
C ALA D 93 13.18 6.21 -18.36
N PHE D 94 12.10 5.66 -17.82
CA PHE D 94 12.23 4.57 -16.86
C PHE D 94 12.48 3.23 -17.51
N PHE D 95 12.18 3.08 -18.80
CA PHE D 95 12.60 1.89 -19.52
C PHE D 95 14.08 1.95 -19.87
N LYS D 96 14.57 3.12 -20.26
CA LYS D 96 16.00 3.29 -20.52
C LYS D 96 16.78 3.26 -19.21
N GLY D 97 16.37 4.08 -18.24
CA GLY D 97 17.02 4.11 -16.95
C GLY D 97 18.13 5.13 -16.87
N GLY D 98 18.28 5.77 -15.70
CA GLY D 98 19.31 6.77 -15.49
C GLY D 98 19.05 8.12 -16.10
N CYS D 99 17.81 8.40 -16.50
CA CYS D 99 17.46 9.70 -17.08
C CYS D 99 17.21 10.68 -15.95
N LYS D 100 18.26 11.42 -15.58
CA LYS D 100 18.15 12.37 -14.47
C LYS D 100 17.27 13.55 -14.81
N TRP D 101 17.00 13.80 -16.10
CA TRP D 101 16.18 14.93 -16.50
C TRP D 101 14.71 14.74 -16.18
N ILE D 102 14.28 13.55 -15.74
CA ILE D 102 12.89 13.28 -15.44
C ILE D 102 12.58 13.42 -13.95
N ARG D 103 13.59 13.72 -13.13
CA ARG D 103 13.37 13.78 -11.68
C ARG D 103 12.36 14.86 -11.32
N THR D 104 12.65 16.11 -11.71
CA THR D 104 11.70 17.19 -11.45
C THR D 104 10.37 17.01 -12.15
N PRO D 105 10.30 16.60 -13.43
CA PRO D 105 8.97 16.35 -14.02
C PRO D 105 8.19 15.25 -13.33
N ALA D 106 8.86 14.22 -12.84
CA ALA D 106 8.16 13.14 -12.14
C ALA D 106 7.61 13.61 -10.80
N ILE D 107 8.32 14.51 -10.12
CA ILE D 107 7.82 15.07 -8.87
C ILE D 107 6.54 15.87 -9.14
N ILE D 108 6.51 16.62 -10.25
CA ILE D 108 5.35 17.44 -10.56
C ILE D 108 4.15 16.56 -10.92
N TYR D 109 4.38 15.50 -11.70
CA TYR D 109 3.29 14.59 -12.05
C TYR D 109 2.77 13.87 -10.81
N SER D 110 3.66 13.40 -9.94
CA SER D 110 3.25 12.63 -8.78
C SER D 110 2.42 13.48 -7.81
N VAL D 111 2.92 14.67 -7.46
CA VAL D 111 2.20 15.54 -6.54
C VAL D 111 0.86 15.96 -7.13
N HIS D 112 0.84 16.25 -8.43
CA HIS D 112 -0.41 16.60 -9.09
C HIS D 112 -1.42 15.46 -9.04
N THR D 113 -0.98 14.26 -9.40
CA THR D 113 -1.89 13.11 -9.43
C THR D 113 -2.39 12.77 -8.04
N MET D 114 -1.48 12.72 -7.07
CA MET D 114 -1.87 12.41 -5.69
C MET D 114 -2.87 13.43 -5.16
N THR D 115 -2.69 14.70 -5.51
CA THR D 115 -3.61 15.74 -5.05
C THR D 115 -4.98 15.61 -5.72
N THR D 116 -5.04 15.03 -6.92
CA THR D 116 -6.33 14.83 -7.58
C THR D 116 -7.11 13.68 -6.95
N LEU D 117 -6.41 12.70 -6.36
CA LEU D 117 -7.06 11.51 -5.82
C LEU D 117 -7.56 11.69 -4.40
N ILE D 118 -6.95 12.60 -3.61
CA ILE D 118 -7.44 12.83 -2.25
C ILE D 118 -8.91 13.23 -2.23
N PRO D 119 -9.39 14.14 -3.09
CA PRO D 119 -10.83 14.42 -3.11
C PRO D 119 -11.65 13.30 -3.74
N ILE D 120 -11.06 12.55 -4.68
CA ILE D 120 -11.79 11.44 -5.30
C ILE D 120 -12.02 10.33 -4.28
N LEU D 121 -10.96 9.88 -3.62
CA LEU D 121 -11.09 8.82 -2.63
C LEU D 121 -11.92 9.25 -1.44
N SER D 122 -11.84 10.53 -1.05
CA SER D 122 -12.64 11.00 0.07
C SER D 122 -14.13 11.04 -0.28
N THR D 123 -14.45 11.35 -1.53
CA THR D 123 -15.86 11.40 -1.94
C THR D 123 -16.47 10.00 -1.98
N LEU D 124 -15.77 9.05 -2.59
CA LEU D 124 -16.29 7.70 -2.72
C LEU D 124 -16.33 6.96 -1.39
N LEU D 125 -15.53 7.38 -0.40
CA LEU D 125 -15.47 6.70 0.88
C LEU D 125 -16.46 7.25 1.89
N LEU D 126 -16.88 8.51 1.76
CA LEU D 126 -17.63 9.19 2.80
C LEU D 126 -18.97 9.77 2.36
N ASP D 127 -19.17 10.02 1.07
CA ASP D 127 -20.41 10.63 0.62
C ASP D 127 -21.53 9.61 0.54
N ASP D 128 -22.75 10.07 0.81
CA ASP D 128 -23.94 9.25 0.75
C ASP D 128 -24.49 9.32 -0.68
N PHE D 129 -24.45 8.20 -1.38
CA PHE D 129 -24.87 8.18 -2.77
C PHE D 129 -26.33 7.77 -2.93
N SER D 130 -26.97 7.31 -1.86
CA SER D 130 -28.40 7.15 -1.86
C SER D 130 -29.04 8.50 -1.57
N LYS D 131 -30.10 8.84 -2.32
CA LYS D 131 -30.74 10.15 -2.20
C LYS D 131 -29.73 11.27 -2.39
N ALA D 132 -28.91 11.15 -3.44
CA ALA D 132 -27.81 12.08 -3.65
C ALA D 132 -28.16 13.08 -4.75
N SER D 133 -28.13 14.37 -4.41
CA SER D 133 -28.38 15.39 -5.40
C SER D 133 -27.22 15.44 -6.38
N HIS D 134 -27.55 15.46 -7.68
CA HIS D 134 -26.59 15.50 -8.78
C HIS D 134 -25.83 14.20 -8.95
N PHE D 135 -26.20 13.13 -8.22
CA PHE D 135 -25.71 11.79 -8.48
C PHE D 135 -26.82 10.85 -8.90
N ARG D 136 -28.08 11.22 -8.64
CA ARG D 136 -29.25 10.51 -9.15
C ARG D 136 -29.22 9.04 -8.76
N GLY D 137 -29.04 8.78 -7.47
CA GLY D 137 -29.10 7.44 -6.94
C GLY D 137 -28.11 6.48 -7.58
N GLN D 138 -26.96 7.01 -7.99
CA GLN D 138 -25.91 6.23 -8.66
C GLN D 138 -24.63 6.35 -7.85
N GLY D 139 -24.09 5.20 -7.44
CA GLY D 139 -22.87 5.16 -6.67
C GLY D 139 -22.83 3.97 -5.73
N PRO D 140 -21.71 3.79 -5.05
CA PRO D 140 -21.59 2.66 -4.10
C PRO D 140 -22.49 2.89 -2.88
N LYS D 141 -23.31 1.87 -2.58
CA LYS D 141 -24.27 1.94 -1.48
C LYS D 141 -23.77 1.30 -0.20
N THR D 142 -23.07 0.17 -0.30
CA THR D 142 -22.51 -0.50 0.87
C THR D 142 -21.03 -0.17 1.00
N PHE D 143 -20.44 -0.60 2.13
CA PHE D 143 -19.02 -0.35 2.35
C PHE D 143 -18.15 -1.23 1.46
N GLN D 144 -18.60 -2.46 1.20
CA GLN D 144 -17.87 -3.33 0.29
C GLN D 144 -17.88 -2.77 -1.13
N GLU D 145 -19.00 -2.19 -1.55
CA GLU D 145 -19.08 -1.56 -2.86
C GLU D 145 -18.20 -0.32 -2.93
N ARG D 146 -17.94 0.32 -1.78
CA ARG D 146 -17.01 1.43 -1.75
C ARG D 146 -15.56 0.94 -1.92
N LEU D 147 -15.22 -0.17 -1.27
CA LEU D 147 -13.88 -0.73 -1.44
C LEU D 147 -13.69 -1.32 -2.83
N PHE D 148 -14.77 -1.76 -3.47
CA PHE D 148 -14.66 -2.32 -4.82
C PHE D 148 -14.35 -1.24 -5.84
N LEU D 149 -14.92 -0.04 -5.67
CA LEU D 149 -14.65 1.06 -6.58
C LEU D 149 -13.34 1.74 -6.25
N ILE D 150 -12.99 1.84 -4.96
CA ILE D 150 -11.74 2.48 -4.56
C ILE D 150 -10.54 1.63 -4.99
N SER D 151 -10.71 0.32 -5.09
CA SER D 151 -9.63 -0.55 -5.53
C SER D 151 -9.12 -0.21 -6.92
N VAL D 152 -9.91 0.50 -7.71
CA VAL D 152 -9.51 0.92 -9.05
C VAL D 152 -8.69 2.21 -9.01
N TYR D 153 -9.04 3.14 -8.11
CA TYR D 153 -8.35 4.42 -8.03
C TYR D 153 -7.10 4.37 -7.17
N ILE D 154 -7.08 3.55 -6.12
CA ILE D 154 -5.97 3.47 -5.17
C ILE D 154 -4.63 3.25 -5.86
N PRO D 155 -4.50 2.42 -6.91
CA PRO D 155 -3.21 2.30 -7.59
C PRO D 155 -2.66 3.63 -8.11
N TYR D 156 -3.50 4.62 -8.36
CA TYR D 156 -3.06 5.89 -8.91
C TYR D 156 -2.76 6.93 -7.83
N PHE D 157 -2.70 6.51 -6.57
CA PHE D 157 -2.16 7.33 -5.48
C PHE D 157 -0.91 6.73 -4.85
N LEU D 158 -0.77 5.40 -4.86
CA LEU D 158 0.39 4.76 -4.26
C LEU D 158 1.57 4.75 -5.22
N ILE D 159 1.33 4.41 -6.49
CA ILE D 159 2.42 4.43 -7.48
C ILE D 159 2.99 5.83 -7.66
N PRO D 160 2.18 6.89 -7.75
CA PRO D 160 2.77 8.24 -7.71
C PRO D 160 3.49 8.54 -6.41
N LEU D 161 3.02 7.99 -5.28
CA LEU D 161 3.74 8.18 -4.03
C LEU D 161 5.08 7.48 -4.03
N ILE D 162 5.12 6.24 -4.53
CA ILE D 162 6.37 5.53 -4.70
C ILE D 162 7.31 6.31 -5.60
N LEU D 163 6.76 6.88 -6.69
CA LEU D 163 7.58 7.66 -7.61
C LEU D 163 8.11 8.92 -6.94
N LEU D 164 7.29 9.55 -6.10
CA LEU D 164 7.73 10.77 -5.40
C LEU D 164 8.89 10.45 -4.45
N LEU D 165 8.73 9.41 -3.64
CA LEU D 165 9.80 9.03 -2.72
C LEU D 165 11.03 8.53 -3.47
N PHE D 166 10.82 7.86 -4.60
CA PHE D 166 11.94 7.38 -5.41
C PHE D 166 12.69 8.54 -6.04
N MET D 167 12.02 9.67 -6.27
CA MET D 167 12.66 10.81 -6.92
C MET D 167 13.30 11.79 -5.94
N VAL D 168 12.73 11.94 -4.74
CA VAL D 168 13.24 12.96 -3.83
C VAL D 168 14.58 12.53 -3.24
N ARG D 169 14.85 11.22 -3.18
CA ARG D 169 16.11 10.73 -2.64
C ARG D 169 17.31 11.11 -3.50
N ASN D 170 17.06 11.55 -4.74
CA ASN D 170 18.08 11.85 -5.73
C ASN D 170 19.16 10.77 -5.73
N PRO D 171 18.79 9.50 -5.88
CA PRO D 171 19.80 8.44 -5.75
C PRO D 171 20.79 8.50 -6.90
N TYR D 172 20.27 8.39 -8.13
CA TYR D 172 20.98 8.77 -9.35
C TYR D 172 20.17 9.77 -10.17
N TYR D 173 19.20 10.42 -9.53
CA TYR D 173 18.30 11.29 -10.25
C TYR D 173 18.40 12.70 -9.69
C1 CLR E . 4.58 -7.89 12.19
C2 CLR E . 4.04 -9.11 11.48
C3 CLR E . 4.98 -9.45 10.33
C4 CLR E . 6.32 -9.86 10.92
C5 CLR E . 6.86 -8.73 11.73
C6 CLR E . 8.15 -8.46 11.63
C7 CLR E . 8.82 -7.38 12.41
C8 CLR E . 8.03 -7.09 13.68
C9 CLR E . 6.56 -6.89 13.35
C10 CLR E . 5.97 -8.18 12.80
C11 CLR E . 5.77 -6.45 14.57
C12 CLR E . 6.35 -5.20 15.20
C13 CLR E . 7.81 -5.46 15.60
C14 CLR E . 8.57 -5.81 14.31
C15 CLR E . 10.01 -5.80 14.79
C16 CLR E . 10.05 -4.53 15.67
C17 CLR E . 8.61 -4.23 16.10
C18 CLR E . 7.93 -6.61 16.61
C19 CLR E . 5.84 -9.23 13.90
C20 CLR E . 8.51 -4.00 17.62
C21 CLR E . 7.19 -3.28 18.01
C22 CLR E . 9.72 -3.20 18.12
C23 CLR E . 9.28 -1.86 18.67
C24 CLR E . 10.45 -0.90 18.81
C25 CLR E . 10.10 0.22 19.78
C26 CLR E . 8.78 0.86 19.38
C27 CLR E . 11.22 1.27 19.81
O1 CLR E . 4.41 -10.53 9.64
C18 OLC F . -7.73 -10.94 0.93
C10 OLC F . -0.84 -13.06 2.13
C9 OLC F . -0.44 -14.24 1.70
C17 OLC F . -7.39 -10.40 2.31
C11 OLC F . -2.02 -12.97 3.11
C8 OLC F . 0.73 -14.33 0.72
C16 OLC F . -5.88 -10.31 2.49
C12 OLC F . -2.10 -11.56 3.70
C15 OLC F . -5.54 -10.16 3.98
C13 OLC F . -3.29 -10.82 3.09
C14 OLC F . -4.03 -10.03 4.17
C10 OLC G . -8.56 -6.95 1.24
C9 OLC G . -7.43 -6.69 1.86
C11 OLC G . -9.82 -7.22 2.06
C8 OLC G . -6.15 -6.42 1.07
C16 OLC G . -15.16 -8.50 0.07
C12 OLC G . -11.06 -7.15 1.17
C7 OLC G . -6.39 -5.25 0.10
C15 OLC G . -14.09 -8.38 1.15
C13 OLC G . -12.28 -6.90 2.04
C14 OLC G . -13.55 -6.95 1.19
C10 OLC H . -4.97 -2.16 -2.68
C9 OLC H . -3.70 -2.20 -3.01
C11 OLC H . -6.06 -2.43 -3.71
C8 OLC H . -2.62 -1.92 -1.97
C7 OLC H . -1.23 -2.09 -2.56
C6 OLC H . -0.19 -2.22 -1.45
C5 OLC H . 1.14 -1.65 -1.95
C4 OLC H . 1.88 -0.94 -0.80
C3 OLC H . 0.88 -0.17 0.05
C2 OLC H . 1.59 0.94 0.81
C1 OLC H . 0.61 1.63 1.75
C8 OLC I . -9.15 3.43 10.97
C7 OLC I . -10.61 3.10 10.69
C6 OLC I . -11.48 3.57 11.85
C5 OLC I . -12.92 3.12 11.61
C4 OLC I . -13.88 4.09 12.31
C3 OLC I . -15.26 3.47 12.40
C10 OLC J . 10.81 -21.70 27.05
C9 OLC J . 11.63 -22.73 26.92
C17 OLC J . 8.06 -19.41 20.94
C11 OLC J . 10.62 -20.73 25.89
C8 OLC J . 12.37 -22.94 25.59
C16 OLC J . 8.24 -19.05 22.41
C12 OLC J . 9.71 -19.58 26.30
C7 OLC J . 13.72 -23.60 25.85
C15 OLC J . 7.73 -20.19 23.28
C13 OLC J . 9.04 -19.01 25.06
C6 OLC J . 14.70 -23.17 24.76
C14 OLC J . 7.78 -19.80 24.76
C5 OLC J . 16.06 -23.82 25.00
C4 OLC J . 17.14 -23.04 24.23
C3 OLC J . 17.59 -21.84 25.05
C10 OLC K . 10.65 -27.12 29.64
C9 OLC K . 11.87 -27.60 29.77
C17 OLC K . 4.66 -23.14 24.88
C11 OLC K . 10.34 -25.78 28.95
C8 OLC K . 13.12 -26.89 29.25
C16 OLC K . 5.13 -23.51 26.29
C12 OLC K . 8.82 -25.63 28.88
C7 OLC K . 14.31 -27.80 29.52
C15 OLC K . 6.48 -24.22 26.21
C13 OLC K . 8.42 -24.79 27.67
C6 OLC K . 15.63 -27.08 29.27
C14 OLC K . 6.90 -24.68 27.60
C5 OLC K . 16.78 -28.04 29.59
C4 OLC K . 18.06 -27.25 29.89
C10 OLC L . 11.47 -10.50 -1.02
C9 OLC L . 12.63 -9.91 -1.13
C11 OLC L . 10.30 -10.07 -1.92
C8 OLC L . 13.79 -10.33 -0.23
C12 OLC L . 9.03 -10.78 -1.45
C7 OLC L . 15.00 -9.45 -0.52
C13 OLC L . 7.95 -10.66 -2.52
C6 OLC L . 16.27 -10.16 -0.05
C14 OLC L . 6.59 -11.02 -1.92
C5 OLC L . 17.49 -9.30 -0.34
C1 CLR M . 6.21 -27.91 1.75
C2 CLR M . 5.76 -26.75 2.62
C3 CLR M . 6.71 -26.65 3.80
C4 CLR M . 8.08 -26.27 3.27
C5 CLR M . 8.55 -27.31 2.31
C6 CLR M . 9.81 -27.66 2.35
C7 CLR M . 10.43 -28.63 1.43
C8 CLR M . 9.60 -28.76 0.15
C9 CLR M . 8.12 -28.91 0.47
C10 CLR M . 7.62 -27.65 1.18
C11 CLR M . 7.30 -29.17 -0.78
C12 CLR M . 7.77 -30.41 -1.51
C13 CLR M . 9.25 -30.26 -1.88
C14 CLR M . 10.05 -30.01 -0.58
C15 CLR M . 11.47 -30.05 -1.09
C16 CLR M . 11.44 -31.32 -1.96
C17 CLR M . 9.97 -31.53 -2.39
C18 CLR M . 9.47 -29.09 -2.86
C19 CLR M . 7.58 -26.48 0.21
C20 CLR M . 9.90 -31.77 -3.91
C21 CLR M . 8.53 -32.30 -4.34
C22 CLR M . 10.99 -32.77 -4.28
C23 CLR M . 10.54 -33.65 -5.43
C24 CLR M . 11.57 -34.74 -5.68
C25 CLR M . 11.43 -35.30 -7.10
C26 CLR M . 10.02 -35.85 -7.28
C27 CLR M . 12.47 -36.38 -7.34
O1 CLR M . 6.21 -25.64 4.63
C10 OLC N . -5.82 -27.52 8.68
C9 OLC N . -4.53 -27.30 8.75
C11 OLC N . -6.72 -27.21 9.87
C8 OLC N . -3.62 -27.60 7.57
C7 OLC N . -2.26 -26.95 7.79
C6 OLC N . -2.45 -25.55 8.38
C5 OLC N . -1.18 -25.12 9.11
C4 OLC N . -1.55 -24.27 10.32
C3 OLC N . -0.30 -23.60 10.89
C10 OLC O . 7.46 -41.22 9.86
C9 OLC O . 6.87 -41.33 11.04
C17 OLC O . 10.78 -47.11 5.52
C11 OLC O . 8.90 -41.68 9.69
C8 OLC O . 5.44 -40.86 11.23
C16 OLC O . 10.71 -45.59 5.36
C12 OLC O . 9.21 -41.85 8.20
C7 OLC O . 5.37 -39.35 11.10
C15 OLC O . 10.77 -44.94 6.74
C13 OLC O . 10.36 -42.85 8.02
C6 OLC O . 4.12 -38.83 11.82
C14 OLC O . 10.25 -43.50 6.65
C10 OLC P . 14.47 -24.86 15.05
C9 OLC P . 15.11 -25.86 15.62
C11 OLC P . 13.01 -25.00 14.65
C8 OLC P . 16.58 -25.71 16.01
C12 OLC P . 12.18 -25.41 15.86
C7 OLC P . 17.34 -25.06 14.85
C15 OLC P . 8.39 -25.38 16.49
C13 OLC P . 10.69 -25.24 15.55
C6 OLC P . 18.82 -24.92 15.23
C14 OLC P . 9.87 -25.33 16.84
C5 OLC P . 19.51 -24.01 14.23
C1 CLR Q . -5.44 27.74 0.11
C2 CLR Q . -4.91 26.49 -0.54
C3 CLR Q . -5.84 25.33 -0.21
C4 CLR Q . -7.18 25.62 -0.89
C5 CLR Q . -7.73 26.89 -0.36
C6 CLR Q . -9.01 26.94 -0.05
C7 CLR Q . -9.66 28.14 0.55
C8 CLR Q . -8.94 29.40 0.13
C9 CLR Q . -7.43 29.28 0.37
C10 CLR Q . -6.84 28.10 -0.45
C11 CLR Q . -6.72 30.58 0.02
C12 CLR Q . -7.25 31.73 0.84
C13 CLR Q . -8.76 31.90 0.59
C14 CLR Q . -9.44 30.57 0.96
C15 CLR Q . -10.93 30.93 0.86
C16 CLR Q . -11.00 32.33 1.50
C17 CLR Q . -9.54 32.87 1.56
C18 CLR Q . -9.04 32.20 -0.91
C19 CLR Q . -6.73 28.50 -1.92
C20 CLR Q . -9.47 34.44 1.35
C21 CLR Q . -10.67 34.95 0.49
C22 CLR Q . -8.12 35.00 0.84
C23 CLR Q . -7.64 36.11 1.78
C24 CLR Q . -8.25 37.44 1.36
C25 CLR Q . -7.81 38.55 2.32
C26 CLR Q . -8.12 38.14 3.75
C27 CLR Q . -6.32 38.81 2.15
O1 CLR Q . -5.27 24.18 -0.74
C8 OLC R . 6.19 32.72 11.68
C7 OLC R . 7.73 32.75 11.65
C6 OLC R . 8.19 33.56 10.45
C5 OLC R . 9.72 33.71 10.50
C4 OLC R . 10.13 34.95 9.72
C3 OLC R . 11.65 35.01 9.63
C10 OLC S . 5.40 40.26 -8.17
C9 OLC S . 6.67 40.38 -7.84
C11 OLC S . 4.74 38.87 -8.20
C8 OLC S . 7.32 41.76 -7.81
C7 OLC S . 8.71 41.63 -7.18
C6 OLC S . 9.74 41.32 -8.26
C5 OLC S . 10.15 42.61 -8.96
C4 OLC S . 10.96 43.48 -8.01
C3 OLC S . 11.19 44.86 -8.62
C2 OLC S . 12.12 45.66 -7.72
C18 OLC T . -0.16 15.25 -0.77
C10 OLC T . 6.64 20.27 1.99
C17 OLC T . 0.85 16.32 -1.15
C11 OLC T . 5.50 20.44 0.99
C16 OLC T . 1.46 16.93 0.10
C12 OLC T . 4.21 20.77 1.73
C15 OLC T . 2.00 18.32 -0.21
C13 OLC T . 3.01 20.32 0.89
C14 OLC T . 2.91 18.79 0.93
O1 MES U . -8.25 29.52 15.06
C2 MES U . -8.53 28.79 16.26
C3 MES U . -9.44 29.56 17.19
N4 MES U . -8.97 30.94 17.33
C5 MES U . -8.71 31.66 16.09
C6 MES U . -7.70 30.80 15.34
C7 MES U . -9.46 31.67 18.50
C8 MES U . -8.95 33.10 18.38
S MES U . -9.37 33.92 19.76
O1S MES U . -10.19 35.10 19.40
O2S MES U . -10.12 33.04 20.69
O3S MES U . -8.13 34.41 20.43
C10 OLC V . -8.41 18.80 15.03
C9 OLC V . -7.11 18.98 15.21
C17 OLC V . -14.84 15.55 10.07
C11 OLC V . -8.92 17.94 13.89
C8 OLC V . -6.61 19.84 16.36
C16 OLC V . -14.20 16.66 10.90
C12 OLC V . -10.44 17.92 13.88
C15 OLC V . -12.97 16.11 11.63
C13 OLC V . -10.95 16.92 12.84
C14 OLC V . -12.44 17.16 12.59
C10 OLC W . -12.08 14.28 4.77
C9 OLC W . -10.93 14.41 4.12
C11 OLC W . -13.32 15.03 4.28
C8 OLC W . -9.69 13.67 4.61
C12 OLC W . -14.48 14.73 5.23
C7 OLC W . -8.46 14.19 3.87
C13 OLC W . -15.80 14.80 4.45
C6 OLC W . -7.29 13.24 4.08
C5 OLC W . -6.00 13.89 3.57
C4 OLC W . -5.41 14.78 4.66
C1 CLR X . -5.85 9.44 -12.98
C2 CLR X . -5.41 10.73 -12.30
C3 CLR X . -6.40 11.82 -12.68
C4 CLR X . -7.72 11.47 -12.02
C5 CLR X . -8.20 10.17 -12.56
C6 CLR X . -9.49 10.05 -12.86
C7 CLR X . -10.07 8.84 -13.46
C8 CLR X . -9.23 7.62 -13.13
C9 CLR X . -7.76 7.89 -13.44
C10 CLR X . -7.25 9.00 -12.50
C11 CLR X . -6.91 6.64 -13.29
C12 CLR X . -7.42 5.52 -14.17
C13 CLR X . -8.85 5.18 -13.76
C14 CLR X . -9.72 6.44 -13.98
C15 CLR X . -11.14 5.90 -13.69
C16 CLR X . -11.08 4.43 -14.19
C17 CLR X . -9.66 4.24 -14.74
C18 CLR X . -8.97 4.76 -12.27
C19 CLR X . -7.18 8.50 -11.07
C20 CLR X . -9.22 2.72 -15.00
C21 CLR X . -10.47 1.82 -15.06
C22 CLR X . -8.16 2.11 -14.07
C23 CLR X . -7.82 0.71 -14.56
C24 CLR X . -6.89 0.03 -13.58
C25 CLR X . -5.84 -0.79 -14.32
C26 CLR X . -4.80 -1.29 -13.35
C27 CLR X . -6.51 -1.96 -15.06
O1 CLR X . -5.91 13.02 -12.16
C10 OLC Y . -16.91 21.86 -17.01
C9 OLC Y . -15.66 21.58 -16.68
C11 OLC Y . -18.06 21.32 -16.16
C8 OLC Y . -14.51 22.10 -17.51
C12 OLC Y . -19.35 22.06 -16.50
C7 OLC Y . -13.23 22.12 -16.65
C13 OLC Y . -20.39 21.78 -15.42
C6 OLC Y . -12.14 22.92 -17.37
C14 OLC Y . -21.72 22.41 -15.81
C5 OLC Y . -10.83 22.76 -16.60
C4 OLC Y . -9.80 23.76 -17.14
C3 OLC Y . -8.40 23.31 -16.75
C10 OLC Z . 1.76 12.85 -27.36
C9 OLC Z . 2.60 13.69 -26.80
C11 OLC Z . 0.33 12.76 -26.84
C8 OLC Z . 4.04 13.80 -27.32
C16 OLC Z . -1.95 8.18 -29.17
C12 OLC Z . -0.35 11.54 -27.45
C7 OLC Z . 4.91 14.52 -26.28
C15 OLC Z . -1.67 9.08 -27.97
C13 OLC Z . 0.20 10.27 -26.81
C6 OLC Z . 5.03 15.99 -26.65
C14 OLC Z . -0.17 9.06 -27.66
C5 OLC Z . 3.94 16.80 -25.94
C4 OLC Z . 3.68 18.09 -26.71
C3 OLC Z . 2.75 18.99 -25.90
C18 OLC AA . -0.15 21.24 -12.40
C10 OLC AA . 6.42 18.07 -16.45
C9 OLC AA . 7.28 18.21 -17.44
C17 OLC AA . 0.12 20.48 -13.69
C11 OLC AA . 5.01 17.54 -16.71
C8 OLC AA . 6.89 17.88 -18.88
C16 OLC AA . 0.86 19.18 -13.38
C12 OLC AA . 4.25 17.48 -15.39
C7 OLC AA . 8.07 17.24 -19.60
C15 OLC AA . 1.51 18.65 -14.66
C13 OLC AA . 2.89 16.81 -15.60
C6 OLC AA . 9.35 18.00 -19.28
C14 OLC AA . 1.95 17.21 -14.47
C5 OLC AA . 10.53 17.34 -19.99
C4 OLC AA . 11.82 17.67 -19.25
C3 OLC AA . 12.11 19.17 -19.33
C2 OLC AA . 12.27 19.58 -20.79
C1 OLC AA . 12.93 20.96 -20.86
C10 OLC BA . -2.57 15.64 -26.86
C9 OLC BA . -1.90 16.60 -26.26
C11 OLC BA . -4.03 15.38 -26.49
C8 OLC BA . -0.45 16.88 -26.62
C12 OLC BA . -4.76 14.73 -27.66
C7 OLC BA . -0.38 17.97 -27.69
C13 OLC BA . -4.72 13.21 -27.52
C14 OLC BA . -5.80 12.59 -28.40
C16 OLC CA . 7.60 1.80 -1.25
C12 OLC CA . 11.32 3.69 -2.98
C15 OLC CA . 8.17 3.16 -0.84
C13 OLC CA . 9.84 3.50 -2.67
C14 OLC CA . 9.66 3.20 -1.18
#